data_9FGN
#
_entry.id   9FGN
#
_cell.length_a   1.00
_cell.length_b   1.00
_cell.length_c   1.00
_cell.angle_alpha   90.00
_cell.angle_beta   90.00
_cell.angle_gamma   90.00
#
_symmetry.space_group_name_H-M   'P 1'
#
loop_
_entity.id
_entity.type
_entity.pdbx_description
1 polymer 'Capsid protein VP1'
2 polymer 'Capsid protein VP2'
3 polymer 'Capsid protein VP3'
4 polymer 'Capsid protein VP4'
5 non-polymer ~{N}-[[2,4-bis(fluoranyl)phenyl]methyl]-4-[(4-methylpiperazin-1-yl)methyl]aniline
#
loop_
_entity_poly.entity_id
_entity_poly.type
_entity_poly.pdbx_seq_one_letter_code
_entity_poly.pdbx_strand_id
1 'polypeptide(L)'
;GDVEEAIERAVVHVADTMRSGPSNSASVPALTAVETGHTSQVTPSDTMQTRHVKNYHSRSESTVENFLGRSACVYMEEYK
TTDNDVNKKFVAWPINTKQMVQMRRKLEMFTYLRFDMEVTFVITSRQDPGTTLAQDMPVLTHQIMYVPPGGPIPAKVDDY
AWQTSTNPSIFWTEGNAPARMSIPFISIGNAYSNFYDGWSNFDQRGSYGYNTLNNLGHIYVRHVSGSSPHPITSTIRVYF
KPKHTRAWVPRPPRLCQYKKAFSVDFTPTPITDTRKDINTVT
;
A
2 'polypeptide(L)'
;SDRVRSITLGNSTITTQECANVVVGYGRWPTYLRDDEATAEDQPTQPDVATCRFYTLDSIKWEKGSVGWWWKFPEALSDM
GLFGQNMQYHYLGRAGYTIHVQCNASKFHQGCLLVVCVPEAEMGGAVVGQAFSATAMANGDKAYEFTSATQSDQTKVQTA
IHNAGMGVGVGNLTIYPHQWINLRTNNSATIVMPYINSVPMDNMFRHYNFTLMVIPFVKLDYADTASTYVPITVTVAPMC
AEYNGLRLAQ
;
B
3 'polypeptide(L)'
;LPTMNTPGSTQFLTSDDFQSPCALPQFDVTPSMNIPGEVKNLMEIAEVDSVVPVNNVQDTTDQMEMFRIPVTINAPLQQQ
VFGLRLQPGLDSVFKHTLLGEILNYYAHWSGSMKLTFVFCGSAMATGKFLIAYSPPGANPPKTRKDAMLGTHIIWDIGLQ
SSCVLCVPWISQTHYRLVQQDEYTSAGYVTCWYQTGMIVPPGTPNSSSIMCFASACNDFSVRMLRDTPFISQDNKL
;
C
4 'polypeptide(L)' GAQVSTQKTGAHETSLSAAGNSIIHYTNINYYKDAASNSANRQDFTQDPSKFTEPVKDVMIKSLPAL D
#
# COMPACT_ATOMS: atom_id res chain seq x y z
N GLY A 1 -2.05 39.55 -23.79
CA GLY A 1 -2.47 38.41 -22.96
C GLY A 1 -3.75 37.77 -23.47
N ASP A 2 -3.89 37.60 -24.79
CA ASP A 2 -5.06 36.92 -25.40
C ASP A 2 -4.82 35.43 -25.35
N VAL A 3 -3.56 35.01 -25.20
CA VAL A 3 -3.22 33.60 -25.12
C VAL A 3 -1.98 33.43 -24.28
N GLU A 4 -1.64 32.19 -23.94
CA GLU A 4 -0.46 31.91 -23.15
C GLU A 4 -0.08 30.45 -23.28
N GLU A 5 1.11 30.18 -23.79
CA GLU A 5 1.51 28.78 -24.05
C GLU A 5 1.98 28.10 -22.75
N ALA A 6 2.15 26.77 -22.77
CA ALA A 6 2.59 25.98 -21.59
C ALA A 6 3.33 24.73 -22.07
N VAL A 11 6.03 12.74 -22.87
CA VAL A 11 7.09 13.73 -22.79
C VAL A 11 8.27 13.16 -22.02
N VAL A 12 7.97 12.35 -21.01
CA VAL A 12 9.00 11.73 -20.19
C VAL A 12 9.02 10.22 -20.47
N HIS A 13 9.91 9.80 -21.35
CA HIS A 13 9.99 8.39 -21.72
C HIS A 13 10.75 7.60 -20.66
N VAL A 14 10.55 6.28 -20.68
CA VAL A 14 11.30 5.42 -19.77
C VAL A 14 12.75 5.37 -20.21
N ALA A 15 13.60 4.82 -19.33
CA ALA A 15 15.02 4.78 -19.59
C ALA A 15 15.33 3.88 -20.78
N ASP A 16 16.35 4.25 -21.55
CA ASP A 16 16.79 3.47 -22.69
C ASP A 16 17.72 2.35 -22.24
N THR A 17 18.14 1.52 -23.19
CA THR A 17 19.08 0.45 -22.95
C THR A 17 20.36 0.73 -23.73
N MET A 18 21.49 0.72 -23.03
CA MET A 18 22.77 1.03 -23.62
C MET A 18 23.51 -0.24 -24.02
N ARG A 19 24.23 -0.17 -25.14
CA ARG A 19 24.97 -1.33 -25.62
C ARG A 19 26.03 -1.73 -24.61
N SER A 20 26.18 -3.03 -24.41
CA SER A 20 27.16 -3.57 -23.47
C SER A 20 27.88 -4.74 -24.12
N GLY A 21 29.17 -4.88 -23.82
CA GLY A 21 29.98 -5.92 -24.37
C GLY A 21 30.49 -6.87 -23.31
N PRO A 22 31.34 -7.82 -23.71
CA PRO A 22 31.91 -8.76 -22.74
C PRO A 22 32.71 -8.03 -21.68
N SER A 23 32.66 -8.54 -20.45
CA SER A 23 33.33 -7.94 -19.33
C SER A 23 33.99 -9.00 -18.47
N ASN A 24 35.08 -8.63 -17.81
CA ASN A 24 35.77 -9.51 -16.88
C ASN A 24 36.56 -8.62 -15.92
N SER A 25 36.00 -8.40 -14.73
CA SER A 25 36.57 -7.45 -13.79
C SER A 25 36.13 -7.80 -12.38
N ALA A 26 36.60 -7.02 -11.41
CA ALA A 26 36.28 -7.25 -10.02
C ALA A 26 34.92 -6.68 -9.63
N SER A 27 34.34 -5.82 -10.45
CA SER A 27 33.01 -5.30 -10.15
C SER A 27 31.98 -6.42 -10.25
N VAL A 28 31.07 -6.46 -9.30
CA VAL A 28 30.04 -7.50 -9.24
C VAL A 28 28.68 -6.86 -9.04
N PRO A 29 28.10 -6.24 -10.07
CA PRO A 29 26.78 -5.63 -9.90
C PRO A 29 25.71 -6.61 -9.45
N ALA A 30 25.80 -7.88 -9.88
CA ALA A 30 24.75 -8.84 -9.55
C ALA A 30 24.65 -9.08 -8.05
N LEU A 31 25.79 -9.21 -7.39
CA LEU A 31 25.79 -9.51 -5.96
C LEU A 31 25.40 -8.28 -5.16
N THR A 32 24.52 -8.46 -4.19
CA THR A 32 24.06 -7.37 -3.34
C THR A 32 23.73 -7.95 -1.97
N ALA A 33 23.01 -7.16 -1.16
CA ALA A 33 22.60 -7.58 0.17
C ALA A 33 21.27 -6.93 0.49
N VAL A 34 20.19 -7.71 0.46
CA VAL A 34 18.86 -7.18 0.74
C VAL A 34 18.68 -6.84 2.22
N GLU A 35 19.61 -7.26 3.08
CA GLU A 35 19.47 -6.97 4.50
C GLU A 35 19.41 -5.48 4.76
N THR A 36 20.00 -4.67 3.88
CA THR A 36 19.97 -3.22 4.06
C THR A 36 18.60 -2.63 3.83
N GLY A 37 17.65 -3.41 3.33
CA GLY A 37 16.35 -2.85 2.99
C GLY A 37 16.37 -2.00 1.75
N HIS A 38 17.39 -2.16 0.91
CA HIS A 38 17.58 -1.35 -0.29
C HIS A 38 17.39 -2.24 -1.51
N THR A 39 16.46 -1.88 -2.38
CA THR A 39 16.18 -2.67 -3.56
C THR A 39 17.25 -2.37 -4.54
N SER A 40 17.64 -3.37 -5.31
CA SER A 40 18.73 -3.20 -6.23
C SER A 40 18.37 -2.25 -7.30
N GLN A 41 19.34 -1.88 -8.10
CA GLN A 41 19.10 -1.00 -9.19
C GLN A 41 19.82 -1.54 -10.40
N VAL A 42 20.07 -2.83 -10.43
CA VAL A 42 20.70 -3.40 -11.61
C VAL A 42 19.75 -3.33 -12.80
N THR A 43 20.33 -3.45 -13.98
CA THR A 43 19.62 -3.42 -15.25
C THR A 43 20.11 -4.58 -16.10
N PRO A 44 19.33 -5.00 -17.10
CA PRO A 44 19.78 -6.13 -17.92
C PRO A 44 21.12 -5.89 -18.58
N SER A 45 21.49 -4.63 -18.78
CA SER A 45 22.78 -4.31 -19.39
C SER A 45 23.95 -4.72 -18.50
N ASP A 46 23.71 -5.03 -17.23
CA ASP A 46 24.78 -5.31 -16.29
C ASP A 46 25.07 -6.80 -16.13
N THR A 47 24.35 -7.68 -16.83
CA THR A 47 24.53 -9.11 -16.66
C THR A 47 24.62 -9.89 -17.97
N MET A 48 24.25 -9.30 -19.11
CA MET A 48 24.40 -9.95 -20.40
C MET A 48 24.57 -8.87 -21.45
N GLN A 49 25.21 -9.25 -22.56
CA GLN A 49 25.39 -8.31 -23.65
C GLN A 49 24.04 -7.88 -24.21
N THR A 50 23.92 -6.58 -24.49
CA THR A 50 22.67 -6.01 -24.96
C THR A 50 22.93 -5.06 -26.11
N ARG A 51 21.94 -4.90 -26.97
CA ARG A 51 22.00 -3.93 -28.05
C ARG A 51 21.44 -2.59 -27.57
N HIS A 52 21.67 -1.56 -28.37
CA HIS A 52 21.13 -0.25 -28.07
C HIS A 52 19.67 -0.17 -28.50
N VAL A 53 18.79 0.23 -27.59
CA VAL A 53 17.36 0.30 -27.85
C VAL A 53 16.85 1.64 -27.35
N LYS A 54 16.04 2.31 -28.15
CA LYS A 54 15.39 3.54 -27.77
C LYS A 54 13.94 3.23 -27.40
N ASN A 55 13.58 3.48 -26.15
CA ASN A 55 12.23 3.23 -25.66
C ASN A 55 11.40 4.50 -25.75
N TYR A 56 10.28 4.42 -26.44
CA TYR A 56 9.31 5.51 -26.49
C TYR A 56 8.13 5.28 -25.58
N HIS A 57 8.14 4.22 -24.78
CA HIS A 57 7.07 3.99 -23.82
C HIS A 57 7.06 5.09 -22.76
N SER A 58 5.87 5.39 -22.24
CA SER A 58 5.71 6.37 -21.20
C SER A 58 4.79 5.82 -20.12
N ARG A 59 4.98 6.33 -18.90
CA ARG A 59 4.20 5.91 -17.75
C ARG A 59 3.04 6.86 -17.46
N SER A 60 2.46 7.45 -18.49
CA SER A 60 1.42 8.45 -18.29
C SER A 60 0.20 7.85 -17.60
N GLU A 61 -0.19 6.64 -18.00
CA GLU A 61 -1.43 6.06 -17.50
C GLU A 61 -1.33 5.52 -16.08
N SER A 62 -0.16 5.56 -15.46
CA SER A 62 -0.03 5.00 -14.14
C SER A 62 0.09 6.06 -13.09
N THR A 63 -0.11 7.31 -13.45
CA THR A 63 -0.10 8.37 -12.46
C THR A 63 -1.30 8.24 -11.53
N VAL A 64 -1.13 8.67 -10.29
CA VAL A 64 -2.22 8.60 -9.32
C VAL A 64 -3.40 9.41 -9.80
N GLU A 65 -3.13 10.54 -10.46
CA GLU A 65 -4.21 11.36 -11.00
C GLU A 65 -5.08 10.55 -11.94
N ASN A 66 -4.47 9.79 -12.85
CA ASN A 66 -5.23 8.98 -13.79
C ASN A 66 -5.75 7.71 -13.14
N PHE A 67 -5.00 7.14 -12.19
CA PHE A 67 -5.45 5.90 -11.56
C PHE A 67 -6.76 6.09 -10.82
N LEU A 68 -6.90 7.21 -10.11
CA LEU A 68 -8.11 7.50 -9.36
C LEU A 68 -9.09 8.38 -10.11
N GLY A 69 -8.74 8.85 -11.30
CA GLY A 69 -9.61 9.76 -12.03
C GLY A 69 -10.68 9.06 -12.84
N ARG A 70 -11.45 8.18 -12.19
CA ARG A 70 -12.55 7.49 -12.84
C ARG A 70 -13.74 7.48 -11.89
N SER A 71 -14.91 7.85 -12.40
CA SER A 71 -16.11 7.83 -11.59
C SER A 71 -16.49 6.41 -11.24
N ALA A 72 -16.98 6.21 -10.02
CA ALA A 72 -17.37 4.89 -9.55
C ALA A 72 -18.58 5.02 -8.64
N CYS A 73 -19.50 4.08 -8.75
CA CYS A 73 -20.66 4.05 -7.86
C CYS A 73 -20.19 3.87 -6.42
N VAL A 74 -20.84 4.57 -5.50
CA VAL A 74 -20.48 4.51 -4.09
C VAL A 74 -21.72 4.21 -3.24
N TYR A 75 -22.90 4.33 -3.83
CA TYR A 75 -24.13 4.08 -3.08
C TYR A 75 -25.31 4.08 -4.02
N MET A 76 -26.27 3.20 -3.76
CA MET A 76 -27.54 3.21 -4.46
C MET A 76 -28.65 2.86 -3.49
N GLU A 77 -29.82 3.46 -3.72
CA GLU A 77 -30.94 3.31 -2.80
C GLU A 77 -32.23 3.54 -3.56
N GLU A 78 -33.33 3.03 -3.02
CA GLU A 78 -34.64 3.12 -3.64
C GLU A 78 -35.61 3.86 -2.72
N TYR A 79 -36.51 4.63 -3.33
CA TYR A 79 -37.55 5.31 -2.59
C TYR A 79 -38.80 5.41 -3.47
N LYS A 80 -39.96 5.29 -2.83
CA LYS A 80 -41.23 5.27 -3.54
C LYS A 80 -41.90 6.64 -3.49
N THR A 81 -42.66 6.94 -4.54
CA THR A 81 -43.35 8.22 -4.60
C THR A 81 -44.50 8.28 -3.60
N THR A 82 -45.18 7.16 -3.36
CA THR A 82 -46.29 7.12 -2.43
C THR A 82 -46.32 5.76 -1.76
N ASP A 83 -46.53 5.75 -0.44
CA ASP A 83 -46.56 4.52 0.32
C ASP A 83 -47.04 4.84 1.72
N ASN A 84 -47.37 3.78 2.47
CA ASN A 84 -47.88 3.96 3.82
C ASN A 84 -46.77 4.34 4.80
N ASP A 85 -45.60 3.72 4.67
CA ASP A 85 -44.49 3.99 5.57
C ASP A 85 -43.84 5.32 5.18
N VAL A 86 -43.78 6.25 6.15
CA VAL A 86 -43.19 7.56 5.87
C VAL A 86 -41.71 7.42 5.57
N ASN A 87 -41.01 6.56 6.31
CA ASN A 87 -39.57 6.41 6.13
C ASN A 87 -39.20 5.83 4.79
N LYS A 88 -40.15 5.27 4.05
CA LYS A 88 -39.87 4.62 2.78
C LYS A 88 -40.00 5.54 1.59
N LYS A 89 -40.36 6.80 1.80
CA LYS A 89 -40.57 7.74 0.70
C LYS A 89 -39.40 8.69 0.49
N PHE A 90 -38.29 8.47 1.18
CA PHE A 90 -37.11 9.32 1.00
C PHE A 90 -35.89 8.59 1.52
N VAL A 91 -34.72 9.08 1.15
CA VAL A 91 -33.45 8.45 1.48
C VAL A 91 -32.67 9.35 2.41
N ALA A 92 -31.91 8.75 3.31
CA ALA A 92 -31.03 9.48 4.22
C ALA A 92 -29.75 8.67 4.36
N TRP A 93 -28.67 9.13 3.72
CA TRP A 93 -27.44 8.37 3.62
C TRP A 93 -26.30 9.13 4.28
N PRO A 94 -25.72 8.59 5.33
CA PRO A 94 -24.56 9.27 5.87
C PRO A 94 -23.44 9.08 4.90
N ILE A 95 -22.70 10.12 4.56
CA ILE A 95 -21.70 10.00 3.52
C ILE A 95 -20.47 9.26 3.98
N ASN A 96 -20.00 8.31 3.19
CA ASN A 96 -18.84 7.53 3.53
C ASN A 96 -18.43 6.87 2.26
N THR A 97 -17.20 6.40 2.16
CA THR A 97 -16.71 5.82 0.94
C THR A 97 -16.26 4.42 1.18
N LYS A 98 -16.96 3.69 2.02
CA LYS A 98 -16.53 2.36 2.36
C LYS A 98 -17.63 1.34 2.21
N GLN A 99 -18.64 1.64 1.40
CA GLN A 99 -19.76 0.73 1.26
C GLN A 99 -19.69 -0.06 -0.01
N MET A 100 -19.10 0.48 -1.06
CA MET A 100 -18.92 -0.30 -2.28
C MET A 100 -17.47 -0.78 -2.38
N VAL A 101 -17.31 -2.04 -2.75
CA VAL A 101 -16.05 -2.73 -2.51
C VAL A 101 -14.93 -2.22 -3.41
N GLN A 102 -15.20 -2.10 -4.71
CA GLN A 102 -14.11 -1.78 -5.64
C GLN A 102 -13.50 -0.42 -5.33
N MET A 103 -14.34 0.60 -5.23
CA MET A 103 -13.81 1.94 -4.97
C MET A 103 -13.11 1.98 -3.61
N ARG A 104 -13.64 1.26 -2.63
CA ARG A 104 -13.00 1.17 -1.33
C ARG A 104 -11.58 0.62 -1.46
N ARG A 105 -11.42 -0.45 -2.21
CA ARG A 105 -10.12 -1.06 -2.34
C ARG A 105 -9.20 -0.11 -2.98
N LYS A 106 -9.65 0.48 -4.07
CA LYS A 106 -8.79 1.40 -4.79
C LYS A 106 -8.25 2.49 -3.86
N LEU A 107 -9.12 3.10 -3.07
CA LEU A 107 -8.69 4.17 -2.18
C LEU A 107 -7.75 3.64 -1.11
N GLU A 108 -8.02 2.47 -0.57
CA GLU A 108 -7.28 1.94 0.57
C GLU A 108 -5.85 1.58 0.24
N MET A 109 -5.33 1.84 -0.97
CA MET A 109 -3.92 1.63 -1.23
C MET A 109 -3.05 2.77 -0.75
N PHE A 110 -3.64 3.85 -0.25
CA PHE A 110 -2.89 4.97 0.28
C PHE A 110 -3.45 5.35 1.65
N THR A 111 -2.54 5.74 2.55
CA THR A 111 -2.96 6.07 3.91
C THR A 111 -3.66 7.43 3.96
N TYR A 112 -3.15 8.41 3.23
CA TYR A 112 -3.69 9.76 3.27
C TYR A 112 -3.95 10.25 1.86
N LEU A 113 -5.03 11.01 1.69
CA LEU A 113 -5.41 11.53 0.39
C LEU A 113 -5.86 12.98 0.53
N ARG A 114 -5.74 13.72 -0.57
CA ARG A 114 -6.17 15.11 -0.61
C ARG A 114 -6.59 15.42 -2.05
N PHE A 115 -7.87 15.69 -2.27
CA PHE A 115 -8.36 15.87 -3.63
C PHE A 115 -9.65 16.65 -3.61
N ASP A 116 -9.97 17.22 -4.77
CA ASP A 116 -11.31 17.73 -5.01
C ASP A 116 -12.21 16.59 -5.48
N MET A 117 -13.51 16.80 -5.38
CA MET A 117 -14.49 15.77 -5.69
C MET A 117 -15.45 16.26 -6.75
N GLU A 118 -15.81 15.37 -7.68
CA GLU A 118 -16.84 15.63 -8.66
C GLU A 118 -17.93 14.57 -8.48
N VAL A 119 -19.14 15.01 -8.20
CA VAL A 119 -20.24 14.13 -7.87
C VAL A 119 -21.26 14.15 -9.00
N THR A 120 -21.72 12.98 -9.42
CA THR A 120 -22.73 12.84 -10.44
C THR A 120 -23.83 11.92 -9.94
N PHE A 121 -25.08 12.25 -10.26
CA PHE A 121 -26.24 11.49 -9.81
C PHE A 121 -26.98 10.94 -11.00
N VAL A 122 -27.29 9.64 -10.96
CA VAL A 122 -28.09 8.98 -11.98
C VAL A 122 -29.37 8.51 -11.32
N ILE A 123 -30.50 8.96 -11.86
CA ILE A 123 -31.82 8.68 -11.28
C ILE A 123 -32.69 8.02 -12.35
N THR A 124 -33.36 6.94 -11.96
CA THR A 124 -34.28 6.25 -12.86
C THR A 124 -35.53 5.88 -12.10
N SER A 125 -36.62 5.70 -12.83
CA SER A 125 -37.93 5.42 -12.24
C SER A 125 -38.57 4.26 -12.97
N ARG A 126 -39.46 3.56 -12.26
CA ARG A 126 -40.21 2.46 -12.85
C ARG A 126 -41.54 2.33 -12.10
N GLN A 127 -42.55 1.88 -12.83
CA GLN A 127 -43.88 1.68 -12.25
C GLN A 127 -43.94 0.33 -11.56
N ASP A 128 -44.40 0.33 -10.31
CA ASP A 128 -44.49 -0.91 -9.56
C ASP A 128 -45.56 -1.82 -10.16
N PRO A 129 -45.37 -3.14 -10.10
CA PRO A 129 -46.39 -4.04 -10.60
C PRO A 129 -47.65 -3.99 -9.77
N GLY A 130 -48.79 -4.25 -10.42
CA GLY A 130 -50.06 -4.21 -9.73
C GLY A 130 -51.17 -4.64 -10.66
N THR A 131 -52.38 -4.68 -10.10
CA THR A 131 -53.55 -5.09 -10.87
C THR A 131 -54.01 -4.04 -11.86
N THR A 132 -53.96 -2.76 -11.48
CA THR A 132 -54.40 -1.66 -12.33
C THR A 132 -53.23 -0.71 -12.53
N LEU A 133 -52.85 -0.48 -13.78
CA LEU A 133 -51.71 0.35 -14.10
C LEU A 133 -52.05 1.50 -15.02
N ALA A 134 -53.26 1.55 -15.56
CA ALA A 134 -53.64 2.60 -16.50
C ALA A 134 -53.68 3.94 -15.78
N GLN A 135 -52.69 4.79 -16.05
CA GLN A 135 -52.67 6.13 -15.49
C GLN A 135 -51.81 7.01 -16.37
N ASP A 136 -51.98 8.32 -16.21
CA ASP A 136 -51.20 9.30 -16.94
C ASP A 136 -50.58 10.24 -15.93
N MET A 137 -49.24 10.35 -15.92
CA MET A 137 -48.52 11.21 -14.95
C MET A 137 -47.50 12.04 -15.71
N PRO A 138 -47.46 13.37 -15.55
CA PRO A 138 -46.42 14.20 -16.18
C PRO A 138 -45.02 13.81 -15.71
N VAL A 139 -44.00 14.46 -16.26
CA VAL A 139 -42.63 14.14 -15.88
C VAL A 139 -42.43 14.43 -14.40
N LEU A 140 -41.61 13.60 -13.76
CA LEU A 140 -41.33 13.73 -12.34
C LEU A 140 -40.13 14.65 -12.11
N THR A 141 -40.04 15.16 -10.88
CA THR A 141 -38.93 16.01 -10.47
C THR A 141 -38.42 15.55 -9.12
N HIS A 142 -37.11 15.65 -8.94
CA HIS A 142 -36.44 15.17 -7.73
C HIS A 142 -35.62 16.29 -7.12
N GLN A 143 -35.41 16.21 -5.81
CA GLN A 143 -34.61 17.16 -5.07
C GLN A 143 -33.53 16.42 -4.31
N ILE A 144 -32.29 16.90 -4.42
CA ILE A 144 -31.17 16.38 -3.66
C ILE A 144 -30.69 17.49 -2.74
N MET A 145 -30.57 17.16 -1.45
CA MET A 145 -30.19 18.14 -0.44
C MET A 145 -29.02 17.60 0.36
N TYR A 146 -28.05 18.47 0.62
CA TYR A 146 -26.84 18.14 1.37
C TYR A 146 -26.87 18.87 2.70
N VAL A 147 -26.74 18.13 3.80
CA VAL A 147 -26.86 18.67 5.14
C VAL A 147 -25.52 18.48 5.85
N PRO A 148 -24.73 19.55 5.99
CA PRO A 148 -23.50 19.44 6.76
C PRO A 148 -23.79 18.99 8.18
N PRO A 149 -22.79 18.51 8.91
CA PRO A 149 -23.06 17.96 10.24
C PRO A 149 -23.67 19.00 11.15
N GLY A 150 -24.63 18.55 11.96
CA GLY A 150 -25.26 19.41 12.94
C GLY A 150 -26.48 20.15 12.45
N GLY A 151 -26.79 20.12 11.16
CA GLY A 151 -27.95 20.80 10.65
C GLY A 151 -29.22 20.02 10.91
N PRO A 152 -30.35 20.67 10.70
CA PRO A 152 -31.64 19.99 10.88
C PRO A 152 -31.82 18.88 9.87
N ILE A 153 -32.52 17.83 10.28
CA ILE A 153 -32.75 16.65 9.45
C ILE A 153 -34.26 16.51 9.25
N PRO A 154 -34.74 16.35 8.02
CA PRO A 154 -36.17 16.14 7.82
C PRO A 154 -36.62 14.80 8.38
N ALA A 155 -37.88 14.75 8.80
CA ALA A 155 -38.48 13.54 9.32
C ALA A 155 -39.57 12.97 8.42
N LYS A 156 -39.98 13.70 7.38
CA LYS A 156 -41.00 13.23 6.45
C LYS A 156 -40.81 13.96 5.14
N VAL A 157 -41.49 13.45 4.10
CA VAL A 157 -41.27 13.99 2.76
C VAL A 157 -41.65 15.46 2.70
N ASP A 158 -42.71 15.87 3.39
CA ASP A 158 -43.22 17.23 3.33
C ASP A 158 -42.82 18.05 4.56
N ASP A 159 -41.62 17.80 5.09
CA ASP A 159 -41.16 18.53 6.25
C ASP A 159 -40.73 19.95 5.86
N TYR A 160 -40.71 20.83 6.86
CA TYR A 160 -40.28 22.21 6.62
C TYR A 160 -38.82 22.28 6.22
N ALA A 161 -38.01 21.29 6.65
CA ALA A 161 -36.58 21.36 6.40
C ALA A 161 -36.24 21.37 4.91
N TRP A 162 -37.17 20.97 4.06
CA TRP A 162 -36.92 20.94 2.62
C TRP A 162 -36.95 22.31 1.99
N GLN A 163 -36.97 23.40 2.75
CA GLN A 163 -37.00 24.75 2.19
C GLN A 163 -35.62 25.37 2.22
N THR A 164 -34.61 24.59 1.88
CA THR A 164 -33.21 24.96 2.07
C THR A 164 -32.98 26.43 1.81
N SER A 165 -32.39 27.10 2.79
CA SER A 165 -31.96 28.48 2.66
C SER A 165 -30.45 28.64 2.69
N THR A 166 -29.74 27.67 3.26
CA THR A 166 -28.29 27.70 3.29
C THR A 166 -27.73 26.38 2.78
N ASN A 167 -28.46 25.29 2.99
CA ASN A 167 -28.02 23.98 2.53
C ASN A 167 -28.09 23.94 1.00
N PRO A 168 -27.00 23.63 0.30
CA PRO A 168 -27.09 23.51 -1.16
C PRO A 168 -28.01 22.37 -1.56
N SER A 169 -28.69 22.55 -2.69
CA SER A 169 -29.62 21.56 -3.18
C SER A 169 -29.67 21.62 -4.70
N ILE A 170 -30.14 20.52 -5.30
CA ILE A 170 -30.29 20.43 -6.75
C ILE A 170 -31.69 19.93 -7.05
N PHE A 171 -32.37 20.61 -7.96
CA PHE A 171 -33.66 20.17 -8.49
C PHE A 171 -33.45 19.66 -9.90
N TRP A 172 -33.88 18.43 -10.16
CA TRP A 172 -33.61 17.76 -11.42
C TRP A 172 -34.90 17.16 -11.96
N THR A 173 -35.01 17.15 -13.29
CA THR A 173 -36.19 16.65 -13.97
C THR A 173 -35.79 15.52 -14.91
N GLU A 174 -36.60 14.46 -14.94
CA GLU A 174 -36.26 13.31 -15.76
C GLU A 174 -36.26 13.65 -17.23
N GLY A 175 -35.44 12.93 -17.99
CA GLY A 175 -35.30 13.15 -19.41
C GLY A 175 -34.12 13.99 -19.81
N ASN A 176 -33.45 14.64 -18.86
CA ASN A 176 -32.30 15.47 -19.14
C ASN A 176 -31.03 14.74 -18.76
N ALA A 177 -29.90 15.44 -18.87
CA ALA A 177 -28.63 14.85 -18.51
C ALA A 177 -28.51 14.69 -17.00
N PRO A 178 -27.68 13.77 -16.53
CA PRO A 178 -27.54 13.60 -15.08
C PRO A 178 -27.00 14.85 -14.41
N ALA A 179 -27.41 15.04 -13.16
CA ALA A 179 -26.96 16.19 -12.38
C ALA A 179 -25.49 16.03 -12.00
N ARG A 180 -24.85 17.15 -11.70
CA ARG A 180 -23.43 17.15 -11.39
C ARG A 180 -23.08 18.38 -10.56
N MET A 181 -21.98 18.29 -9.83
CA MET A 181 -21.51 19.42 -9.03
C MET A 181 -20.10 19.11 -8.63
N SER A 182 -19.39 20.09 -8.08
CA SER A 182 -18.03 19.90 -7.61
C SER A 182 -17.90 20.36 -6.21
N ILE A 183 -17.05 19.73 -5.43
CA ILE A 183 -16.88 20.08 -4.05
C ILE A 183 -15.43 20.26 -3.75
N PRO A 184 -15.08 21.19 -2.88
CA PRO A 184 -13.67 21.37 -2.67
C PRO A 184 -13.14 20.42 -1.59
N PHE A 185 -11.88 20.54 -1.17
CA PHE A 185 -11.33 19.67 -0.13
C PHE A 185 -11.94 20.03 1.19
N ILE A 186 -13.04 19.41 1.55
CA ILE A 186 -13.73 19.80 2.77
C ILE A 186 -13.39 18.99 3.99
N SER A 187 -12.17 19.10 4.46
CA SER A 187 -11.73 18.36 5.62
C SER A 187 -11.31 19.29 6.68
N ILE A 188 -11.07 18.75 7.85
CA ILE A 188 -10.67 19.57 8.96
C ILE A 188 -9.21 19.36 9.24
N GLY A 189 -8.59 18.45 8.51
CA GLY A 189 -7.17 18.20 8.67
C GLY A 189 -6.46 18.65 7.44
N ASN A 190 -5.22 18.26 7.28
CA ASN A 190 -4.48 18.61 6.11
C ASN A 190 -4.59 17.51 5.10
N ALA A 191 -5.41 16.51 5.37
CA ALA A 191 -5.62 15.42 4.44
C ALA A 191 -6.59 14.42 4.97
N TYR A 192 -7.28 13.73 4.08
CA TYR A 192 -8.22 12.72 4.49
C TYR A 192 -7.45 11.52 4.92
N SER A 193 -8.01 10.71 5.81
CA SER A 193 -7.32 9.54 6.33
C SER A 193 -8.22 8.32 6.15
N ASN A 194 -7.71 7.32 5.43
CA ASN A 194 -8.47 6.10 5.24
C ASN A 194 -8.43 5.21 6.48
N PHE A 195 -7.36 5.31 7.26
CA PHE A 195 -7.19 4.49 8.46
C PHE A 195 -6.88 5.39 9.64
N TYR A 196 -7.28 4.94 10.83
CA TYR A 196 -7.04 5.69 12.05
C TYR A 196 -6.92 4.69 13.18
N ASP A 197 -5.68 4.39 13.59
CA ASP A 197 -5.43 3.44 14.67
C ASP A 197 -5.46 4.19 16.00
N GLY A 198 -6.67 4.45 16.46
CA GLY A 198 -6.84 5.17 17.71
C GLY A 198 -8.27 5.10 18.18
N TRP A 199 -8.51 5.70 19.34
CA TRP A 199 -9.82 5.70 19.99
C TRP A 199 -10.41 7.10 19.95
N SER A 200 -11.63 7.22 20.46
CA SER A 200 -12.31 8.50 20.51
C SER A 200 -12.05 9.23 21.83
N ASN A 201 -12.23 8.54 22.96
CA ASN A 201 -12.02 9.15 24.26
C ASN A 201 -10.54 9.13 24.63
N PHE A 202 -10.12 10.10 25.41
CA PHE A 202 -8.70 10.18 25.71
C PHE A 202 -8.31 9.15 26.72
N ASP A 203 -9.25 8.34 27.15
CA ASP A 203 -8.97 7.27 28.08
C ASP A 203 -8.82 5.96 27.36
N GLN A 204 -8.63 6.02 26.05
CA GLN A 204 -8.49 4.82 25.26
C GLN A 204 -9.72 3.98 25.39
N ARG A 205 -10.87 4.59 25.16
CA ARG A 205 -12.11 3.88 25.21
C ARG A 205 -13.01 4.53 24.21
N GLY A 206 -14.07 3.85 23.82
CA GLY A 206 -15.02 4.42 22.89
C GLY A 206 -14.93 3.83 21.52
N SER A 207 -15.47 4.51 20.53
CA SER A 207 -15.35 4.04 19.16
C SER A 207 -13.89 3.88 18.77
N TYR A 208 -13.58 2.91 17.91
CA TYR A 208 -12.20 2.73 17.46
C TYR A 208 -12.16 2.53 15.98
N GLY A 209 -11.38 3.33 15.29
CA GLY A 209 -11.21 3.17 13.87
C GLY A 209 -11.62 4.37 13.06
N TYR A 210 -11.62 4.23 11.75
CA TYR A 210 -11.91 5.37 10.90
C TYR A 210 -13.28 5.94 11.11
N ASN A 211 -14.20 5.15 11.61
CA ASN A 211 -15.50 5.68 11.88
C ASN A 211 -15.36 6.97 12.65
N THR A 212 -14.39 7.03 13.54
CA THR A 212 -14.24 8.20 14.39
C THR A 212 -14.09 9.48 13.63
N LEU A 213 -13.47 9.44 12.48
CA LEU A 213 -13.20 10.65 11.72
C LEU A 213 -14.24 10.92 10.64
N ASN A 214 -15.28 10.10 10.54
CA ASN A 214 -16.30 10.26 9.50
C ASN A 214 -17.36 11.21 10.00
N ASN A 215 -17.28 12.47 9.57
CA ASN A 215 -18.25 13.50 9.94
C ASN A 215 -18.55 14.39 8.75
N LEU A 216 -18.78 13.78 7.59
CA LEU A 216 -18.99 14.54 6.36
C LEU A 216 -20.42 15.03 6.17
N GLY A 217 -21.38 14.47 6.90
CA GLY A 217 -22.76 14.92 6.80
C GLY A 217 -23.71 13.89 6.24
N HIS A 218 -24.79 14.33 5.62
CA HIS A 218 -25.81 13.45 5.09
C HIS A 218 -26.28 13.95 3.73
N ILE A 219 -26.98 13.09 3.01
CA ILE A 219 -27.64 13.44 1.76
C ILE A 219 -29.08 12.94 1.81
N TYR A 220 -30.01 13.79 1.41
CA TYR A 220 -31.43 13.46 1.41
C TYR A 220 -32.00 13.69 0.02
N VAL A 221 -32.89 12.78 -0.40
CA VAL A 221 -33.52 12.84 -1.70
C VAL A 221 -35.00 12.55 -1.55
N ARG A 222 -35.81 13.20 -2.40
CA ARG A 222 -37.26 13.01 -2.36
C ARG A 222 -37.84 13.43 -3.70
N HIS A 223 -39.06 12.96 -3.96
CA HIS A 223 -39.85 13.49 -5.05
C HIS A 223 -40.41 14.84 -4.65
N VAL A 224 -40.30 15.83 -5.54
CA VAL A 224 -40.69 17.20 -5.18
C VAL A 224 -42.15 17.21 -4.72
N SER A 225 -43.06 16.94 -5.65
CA SER A 225 -44.47 16.89 -5.31
C SER A 225 -45.20 15.72 -5.95
N GLY A 226 -44.50 14.84 -6.65
CA GLY A 226 -45.15 13.69 -7.25
C GLY A 226 -45.84 12.84 -6.20
N SER A 227 -47.12 12.54 -6.45
CA SER A 227 -47.87 11.62 -5.59
C SER A 227 -48.87 10.92 -6.50
N SER A 228 -48.47 9.77 -7.03
CA SER A 228 -49.24 9.11 -8.06
C SER A 228 -50.42 8.35 -7.47
N PRO A 229 -51.46 8.13 -8.26
CA PRO A 229 -52.52 7.21 -7.80
C PRO A 229 -52.01 5.81 -7.52
N HIS A 230 -50.95 5.38 -8.21
CA HIS A 230 -50.34 4.10 -7.99
C HIS A 230 -48.85 4.26 -7.70
N PRO A 231 -48.26 3.36 -6.93
CA PRO A 231 -46.86 3.56 -6.51
C PRO A 231 -45.92 3.60 -7.71
N ILE A 232 -44.90 4.45 -7.60
CA ILE A 232 -43.80 4.51 -8.54
C ILE A 232 -42.50 4.49 -7.75
N THR A 233 -41.59 3.61 -8.14
CA THR A 233 -40.32 3.44 -7.44
C THR A 233 -39.19 4.07 -8.24
N SER A 234 -38.29 4.74 -7.54
CA SER A 234 -37.15 5.38 -8.16
C SER A 234 -35.87 4.92 -7.48
N THR A 235 -34.77 4.94 -8.23
CA THR A 235 -33.47 4.56 -7.72
C THR A 235 -32.48 5.65 -8.05
N ILE A 236 -31.55 5.89 -7.13
CA ILE A 236 -30.52 6.91 -7.29
C ILE A 236 -29.16 6.26 -7.09
N ARG A 237 -28.22 6.60 -7.97
CA ARG A 237 -26.85 6.13 -7.86
C ARG A 237 -25.93 7.34 -7.77
N VAL A 238 -24.95 7.26 -6.86
CA VAL A 238 -24.02 8.36 -6.60
C VAL A 238 -22.65 7.95 -7.07
N TYR A 239 -21.99 8.82 -7.83
CA TYR A 239 -20.68 8.55 -8.41
C TYR A 239 -19.69 9.61 -7.94
N PHE A 240 -18.52 9.18 -7.53
CA PHE A 240 -17.50 10.11 -7.10
C PHE A 240 -16.32 10.00 -8.01
N LYS A 241 -15.66 11.10 -8.27
CA LYS A 241 -14.53 11.18 -9.21
C LYS A 241 -13.51 12.16 -8.66
N PRO A 242 -12.47 11.68 -7.97
CA PRO A 242 -11.47 12.59 -7.42
C PRO A 242 -10.75 13.39 -8.50
N LYS A 243 -10.35 14.61 -8.15
CA LYS A 243 -9.59 15.49 -9.03
C LYS A 243 -8.46 16.11 -8.25
N HIS A 244 -7.38 16.45 -8.96
CA HIS A 244 -6.24 17.16 -8.37
C HIS A 244 -5.69 16.38 -7.18
N THR A 245 -5.48 15.09 -7.38
CA THR A 245 -5.22 14.18 -6.27
C THR A 245 -3.76 14.23 -5.84
N ARG A 246 -3.54 14.06 -4.53
CA ARG A 246 -2.23 13.81 -3.96
C ARG A 246 -2.37 12.68 -2.96
N ALA A 247 -1.35 11.81 -2.89
CA ALA A 247 -1.41 10.64 -2.03
C ALA A 247 -0.10 10.48 -1.29
N TRP A 248 -0.16 9.83 -0.13
CA TRP A 248 1.00 9.62 0.72
C TRP A 248 0.98 8.23 1.33
N VAL A 249 2.16 7.73 1.65
CA VAL A 249 2.32 6.51 2.44
C VAL A 249 1.54 5.35 1.82
N PRO A 250 1.99 4.78 0.72
CA PRO A 250 1.30 3.62 0.16
C PRO A 250 1.36 2.42 1.08
N ARG A 251 0.34 1.57 0.98
CA ARG A 251 0.22 0.38 1.80
C ARG A 251 -0.18 -0.79 0.91
N PRO A 252 0.10 -2.02 1.33
CA PRO A 252 -0.19 -3.16 0.48
C PRO A 252 -1.68 -3.29 0.23
N PRO A 253 -2.07 -3.75 -0.95
CA PRO A 253 -3.51 -3.92 -1.22
C PRO A 253 -4.12 -4.98 -0.33
N ARG A 254 -5.41 -4.83 -0.07
CA ARG A 254 -6.11 -5.79 0.75
C ARG A 254 -6.20 -7.15 0.06
N LEU A 255 -6.23 -8.21 0.87
CA LEU A 255 -6.32 -9.58 0.37
C LEU A 255 -7.60 -10.28 0.76
N CYS A 256 -8.07 -10.09 1.99
CA CYS A 256 -9.28 -10.74 2.46
C CYS A 256 -10.51 -9.94 2.08
N GLN A 257 -11.61 -10.65 1.84
CA GLN A 257 -12.85 -10.00 1.44
C GLN A 257 -13.37 -9.10 2.55
N TYR A 258 -13.97 -7.98 2.16
CA TYR A 258 -14.59 -7.08 3.13
C TYR A 258 -15.82 -7.72 3.75
N LYS A 259 -16.08 -7.37 5.00
CA LYS A 259 -17.25 -7.90 5.70
C LYS A 259 -18.05 -6.85 6.47
N LYS A 260 -17.48 -5.70 6.80
CA LYS A 260 -18.20 -4.64 7.51
C LYS A 260 -17.92 -3.30 6.86
N ALA A 261 -18.91 -2.42 6.90
CA ALA A 261 -18.80 -1.13 6.24
C ALA A 261 -18.07 -0.10 7.08
N PHE A 262 -17.84 -0.37 8.37
CA PHE A 262 -17.18 0.59 9.24
C PHE A 262 -16.14 -0.09 10.12
N SER A 263 -15.49 -1.12 9.61
CA SER A 263 -14.49 -1.84 10.37
C SER A 263 -13.57 -2.56 9.40
N VAL A 264 -12.42 -2.99 9.93
CA VAL A 264 -11.44 -3.75 9.16
C VAL A 264 -11.58 -5.25 9.37
N ASP A 265 -12.64 -5.69 10.05
CA ASP A 265 -12.79 -7.10 10.40
C ASP A 265 -12.72 -7.96 9.15
N PHE A 266 -12.19 -9.17 9.30
CA PHE A 266 -11.99 -10.07 8.19
C PHE A 266 -11.88 -11.49 8.71
N THR A 267 -11.71 -12.43 7.79
CA THR A 267 -11.46 -13.82 8.11
C THR A 267 -10.16 -14.27 7.47
N PRO A 268 -9.35 -15.08 8.15
CA PRO A 268 -8.06 -15.48 7.56
C PRO A 268 -8.24 -16.15 6.22
N THR A 269 -7.32 -15.86 5.31
CA THR A 269 -7.37 -16.35 3.94
C THR A 269 -6.03 -16.95 3.54
N PRO A 270 -6.02 -17.97 2.69
CA PRO A 270 -4.75 -18.49 2.20
C PRO A 270 -3.98 -17.44 1.43
N ILE A 271 -2.64 -17.54 1.47
CA ILE A 271 -1.81 -16.57 0.78
C ILE A 271 -2.10 -16.56 -0.71
N THR A 272 -2.23 -17.73 -1.30
CA THR A 272 -2.49 -17.84 -2.74
C THR A 272 -2.90 -19.28 -3.04
N ASP A 273 -3.06 -19.56 -4.32
CA ASP A 273 -3.48 -20.87 -4.72
C ASP A 273 -2.36 -21.85 -4.69
N THR A 274 -2.66 -23.11 -4.98
CA THR A 274 -1.67 -24.17 -4.90
C THR A 274 -1.46 -24.82 -6.26
N ARG A 275 -0.40 -25.62 -6.34
CA ARG A 275 -0.09 -26.39 -7.54
C ARG A 275 0.45 -27.75 -7.12
N LYS A 276 0.66 -28.63 -8.10
CA LYS A 276 1.00 -30.01 -7.80
C LYS A 276 2.26 -30.12 -6.97
N ASP A 277 3.33 -29.49 -7.40
CA ASP A 277 4.60 -29.54 -6.67
C ASP A 277 5.45 -28.34 -7.09
N ILE A 278 6.61 -28.22 -6.46
CA ILE A 278 7.45 -27.05 -6.68
C ILE A 278 8.03 -27.03 -8.09
N ASN A 279 8.05 -28.17 -8.79
CA ASN A 279 8.62 -28.24 -10.12
C ASN A 279 7.58 -28.17 -11.23
N THR A 280 6.30 -28.40 -10.92
CA THR A 280 5.28 -28.37 -11.95
C THR A 280 5.22 -27.01 -12.61
N VAL A 281 5.22 -26.99 -13.93
CA VAL A 281 5.21 -25.74 -14.70
C VAL A 281 4.16 -25.80 -15.79
N THR A 282 3.51 -26.95 -15.96
CA THR A 282 2.50 -27.11 -16.99
C THR A 282 1.17 -26.50 -16.55
N SER B 1 36.04 0.38 7.40
CA SER B 1 34.92 -0.54 7.25
C SER B 1 33.59 0.15 7.55
N ASP B 2 32.56 -0.24 6.81
CA ASP B 2 31.22 0.30 6.98
C ASP B 2 30.32 -0.65 7.77
N ARG B 3 30.88 -1.69 8.37
CA ARG B 3 30.11 -2.65 9.15
C ARG B 3 29.96 -2.22 10.60
N VAL B 4 30.57 -1.11 11.00
CA VAL B 4 30.54 -0.63 12.38
C VAL B 4 29.78 0.68 12.41
N ARG B 5 28.85 0.80 13.35
CA ARG B 5 28.02 1.98 13.49
C ARG B 5 27.99 2.40 14.95
N SER B 6 27.87 3.70 15.17
CA SER B 6 27.80 4.26 16.52
C SER B 6 26.78 5.38 16.53
N ILE B 7 25.86 5.34 17.48
CA ILE B 7 24.78 6.33 17.60
C ILE B 7 24.80 6.89 19.01
N THR B 8 24.77 8.21 19.12
CA THR B 8 24.86 8.91 20.40
C THR B 8 23.69 9.88 20.52
N LEU B 9 22.76 9.58 21.42
CA LEU B 9 21.63 10.46 21.69
C LEU B 9 21.60 10.75 23.18
N GLY B 10 21.49 12.02 23.53
CA GLY B 10 21.43 12.38 24.94
C GLY B 10 22.66 11.88 25.66
N ASN B 11 22.42 11.16 26.76
CA ASN B 11 23.50 10.59 27.57
C ASN B 11 23.62 9.08 27.38
N SER B 12 23.21 8.56 26.22
CA SER B 12 23.28 7.14 25.94
C SER B 12 23.93 6.93 24.58
N THR B 13 24.62 5.80 24.44
CA THR B 13 25.33 5.47 23.21
C THR B 13 25.06 4.02 22.85
N ILE B 14 24.97 3.77 21.55
CA ILE B 14 24.77 2.42 21.02
C ILE B 14 25.89 2.15 20.03
N THR B 15 26.58 1.02 20.21
CA THR B 15 27.67 0.61 19.34
C THR B 15 27.38 -0.79 18.83
N THR B 16 27.37 -0.96 17.52
CA THR B 16 27.20 -2.26 16.89
C THR B 16 28.39 -2.50 15.99
N GLN B 17 29.09 -3.61 16.23
CA GLN B 17 30.31 -3.92 15.52
C GLN B 17 30.05 -4.77 14.28
N GLU B 18 28.79 -5.07 13.99
CA GLU B 18 28.44 -5.81 12.77
C GLU B 18 27.04 -5.48 12.35
N CYS B 19 26.89 -4.52 11.44
CA CYS B 19 25.57 -4.09 11.06
C CYS B 19 25.48 -3.55 9.67
N ALA B 20 24.27 -3.44 9.14
CA ALA B 20 24.08 -2.88 7.83
C ALA B 20 23.84 -1.40 7.96
N ASN B 21 23.53 -0.72 6.88
CA ASN B 21 23.37 0.70 6.94
C ASN B 21 22.14 1.03 7.72
N VAL B 22 21.85 2.31 7.91
CA VAL B 22 20.65 2.73 8.57
C VAL B 22 19.63 3.18 7.57
N VAL B 23 18.39 2.78 7.72
CA VAL B 23 17.34 3.18 6.82
C VAL B 23 16.71 4.38 7.40
N VAL B 24 16.26 5.29 6.56
CA VAL B 24 15.71 6.53 7.04
C VAL B 24 14.33 6.76 6.51
N GLY B 25 13.33 6.25 7.20
CA GLY B 25 11.92 6.50 6.82
C GLY B 25 11.73 6.61 5.34
N TYR B 26 11.00 7.63 4.89
CA TYR B 26 10.73 7.84 3.45
C TYR B 26 11.74 8.89 2.99
N GLY B 27 13.00 8.76 3.38
CA GLY B 27 14.07 9.68 3.00
C GLY B 27 13.99 11.00 3.73
N ARG B 28 13.28 11.10 4.85
CA ARG B 28 13.07 12.34 5.57
C ARG B 28 13.65 12.22 6.98
N TRP B 29 14.54 13.13 7.33
CA TRP B 29 15.09 13.12 8.68
C TRP B 29 14.14 13.81 9.65
N PRO B 30 14.04 13.38 10.90
CA PRO B 30 13.17 14.07 11.86
C PRO B 30 13.59 15.52 12.06
N THR B 31 12.61 16.38 12.31
CA THR B 31 12.88 17.80 12.49
C THR B 31 11.77 18.43 13.30
N TYR B 32 12.04 19.63 13.80
CA TYR B 32 11.06 20.38 14.57
C TYR B 32 9.98 20.95 13.66
N LEU B 33 8.90 21.40 14.28
CA LEU B 33 7.78 21.96 13.52
C LEU B 33 8.09 23.38 13.07
N ARG B 34 7.76 23.69 11.83
CA ARG B 34 8.05 25.01 11.29
C ARG B 34 6.96 26.01 11.68
N ASP B 35 7.33 27.28 11.64
CA ASP B 35 6.40 28.34 12.04
C ASP B 35 5.21 28.43 11.09
N ASP B 36 5.44 28.21 9.80
CA ASP B 36 4.38 28.36 8.81
C ASP B 36 3.50 27.14 8.68
N GLU B 37 3.76 26.09 9.45
CA GLU B 37 2.93 24.88 9.45
C GLU B 37 2.21 24.63 10.77
N ALA B 38 2.56 25.35 11.82
CA ALA B 38 1.96 25.13 13.12
C ALA B 38 0.54 25.68 13.18
N THR B 39 -0.19 25.24 14.19
CA THR B 39 -1.55 25.73 14.42
C THR B 39 -1.77 26.20 15.85
N ALA B 40 -1.20 25.51 16.84
CA ALA B 40 -1.35 25.95 18.22
C ALA B 40 -0.62 27.26 18.44
N GLU B 41 -1.18 28.08 19.33
CA GLU B 41 -0.68 29.43 19.53
C GLU B 41 0.44 29.53 20.56
N ASP B 42 0.30 28.83 21.69
CA ASP B 42 1.21 29.02 22.80
C ASP B 42 2.60 28.45 22.51
N GLN B 43 3.56 28.86 23.33
CA GLN B 43 4.94 28.42 23.16
C GLN B 43 5.06 26.92 23.44
N PRO B 44 5.74 26.16 22.60
CA PRO B 44 5.99 24.75 22.91
C PRO B 44 7.13 24.59 23.90
N THR B 45 7.27 23.38 24.41
CA THR B 45 8.37 23.01 25.28
C THR B 45 9.22 21.96 24.57
N GLN B 46 10.54 22.11 24.66
CA GLN B 46 11.48 21.28 23.92
C GLN B 46 12.52 20.72 24.88
N PRO B 47 12.18 19.71 25.67
CA PRO B 47 13.12 19.17 26.67
C PRO B 47 14.06 18.14 26.07
N ASP B 48 14.88 18.57 25.11
CA ASP B 48 15.84 17.67 24.51
C ASP B 48 16.76 17.09 25.60
N VAL B 49 17.44 16.00 25.25
CA VAL B 49 18.37 15.35 26.16
C VAL B 49 17.60 14.63 27.25
N ALA B 50 16.73 15.36 27.96
CA ALA B 50 15.92 14.73 28.99
C ALA B 50 15.01 13.66 28.41
N THR B 51 14.53 13.86 27.18
CA THR B 51 13.61 12.93 26.54
C THR B 51 14.19 12.24 25.32
N CYS B 52 15.17 12.84 24.66
CA CYS B 52 15.75 12.27 23.43
C CYS B 52 16.94 11.39 23.83
N ARG B 53 16.63 10.17 24.24
CA ARG B 53 17.65 9.22 24.65
C ARG B 53 17.10 7.82 24.46
N PHE B 54 18.01 6.85 24.47
CA PHE B 54 17.60 5.47 24.23
C PHE B 54 16.95 4.87 25.46
N TYR B 55 15.89 4.08 25.28
CA TYR B 55 15.16 3.41 26.37
C TYR B 55 14.97 1.94 25.97
N THR B 56 15.61 1.01 26.65
CA THR B 56 15.50 -0.36 26.25
C THR B 56 14.30 -1.00 26.83
N LEU B 57 13.35 -1.35 25.99
CA LEU B 57 12.17 -2.00 26.44
C LEU B 57 12.57 -3.36 26.88
N ASP B 58 11.64 -4.14 27.40
CA ASP B 58 11.98 -5.45 27.92
C ASP B 58 12.36 -6.39 26.80
N SER B 59 12.75 -7.61 27.14
CA SER B 59 13.22 -8.54 26.13
C SER B 59 12.33 -9.73 25.93
N ILE B 60 12.40 -10.33 24.75
CA ILE B 60 11.56 -11.49 24.38
C ILE B 60 12.50 -12.68 24.22
N LYS B 61 11.97 -13.89 24.10
CA LYS B 61 12.79 -15.11 23.93
C LYS B 61 12.41 -15.76 22.60
N TRP B 62 13.36 -15.95 21.71
CA TRP B 62 13.12 -16.51 20.38
C TRP B 62 13.33 -18.01 20.44
N GLU B 63 12.26 -18.77 20.31
CA GLU B 63 12.29 -20.22 20.33
C GLU B 63 12.12 -20.76 18.92
N LYS B 64 12.25 -22.08 18.79
CA LYS B 64 12.08 -22.69 17.48
C LYS B 64 10.64 -22.55 16.98
N GLY B 65 9.68 -22.39 17.89
CA GLY B 65 8.29 -22.27 17.54
C GLY B 65 7.73 -20.87 17.57
N SER B 66 8.56 -19.85 17.68
CA SER B 66 8.07 -18.47 17.72
C SER B 66 7.42 -18.11 16.39
N VAL B 67 6.46 -17.19 16.44
CA VAL B 67 5.70 -16.80 15.27
C VAL B 67 5.87 -15.32 14.97
N GLY B 68 6.09 -14.53 16.01
CA GLY B 68 6.27 -13.09 15.82
C GLY B 68 5.73 -12.32 16.99
N TRP B 69 5.99 -11.01 16.96
CA TRP B 69 5.55 -10.10 18.01
C TRP B 69 5.29 -8.73 17.42
N TRP B 70 4.61 -7.88 18.18
CA TRP B 70 4.42 -6.50 17.77
C TRP B 70 4.38 -5.61 19.01
N TRP B 71 4.78 -4.35 18.81
CA TRP B 71 4.64 -3.30 19.80
C TRP B 71 3.97 -2.11 19.14
N LYS B 72 3.25 -1.32 19.93
CA LYS B 72 2.59 -0.12 19.44
C LYS B 72 3.15 1.11 20.13
N PHE B 73 3.46 2.13 19.34
CA PHE B 73 4.06 3.35 19.82
C PHE B 73 3.12 4.53 19.58
N PRO B 74 3.23 5.60 20.36
CA PRO B 74 4.21 5.79 21.44
C PRO B 74 3.76 5.21 22.76
N GLU B 75 2.62 4.50 22.76
CA GLU B 75 2.09 3.98 24.02
C GLU B 75 3.06 3.03 24.70
N ALA B 76 3.93 2.37 23.91
CA ALA B 76 4.89 1.45 24.50
C ALA B 76 5.79 2.14 25.50
N LEU B 77 6.14 3.40 25.26
CA LEU B 77 6.99 4.17 26.16
C LEU B 77 6.18 5.00 27.14
N SER B 78 4.98 4.55 27.48
CA SER B 78 4.07 5.40 28.25
C SER B 78 4.62 5.70 29.64
N ASP B 79 5.40 4.79 30.21
CA ASP B 79 5.89 4.92 31.58
C ASP B 79 7.40 4.73 31.62
N MET B 80 8.09 5.44 30.73
CA MET B 80 9.54 5.31 30.56
C MET B 80 10.18 6.67 30.75
N GLY B 81 10.62 6.96 31.97
CA GLY B 81 11.38 8.16 32.22
C GLY B 81 10.55 9.43 32.02
N LEU B 82 11.27 10.54 31.83
CA LEU B 82 10.62 11.84 31.67
C LEU B 82 9.77 11.91 30.41
N PHE B 83 10.01 11.05 29.43
CA PHE B 83 9.15 11.01 28.26
C PHE B 83 7.71 10.72 28.66
N GLY B 84 7.52 9.72 29.53
CA GLY B 84 6.19 9.40 29.98
C GLY B 84 5.54 10.54 30.75
N GLN B 85 6.30 11.19 31.62
CA GLN B 85 5.75 12.30 32.39
C GLN B 85 5.31 13.43 31.46
N ASN B 86 6.17 13.80 30.50
CA ASN B 86 5.82 14.86 29.58
C ASN B 86 4.58 14.49 28.78
N MET B 87 4.50 13.24 28.32
CA MET B 87 3.34 12.82 27.56
C MET B 87 2.08 12.88 28.42
N GLN B 88 2.19 12.52 29.70
CA GLN B 88 1.04 12.59 30.59
C GLN B 88 0.57 14.02 30.79
N TYR B 89 1.51 14.94 30.98
CA TYR B 89 1.15 16.29 31.40
C TYR B 89 0.76 17.22 30.26
N HIS B 90 0.79 16.76 29.01
CA HIS B 90 0.57 17.62 27.86
C HIS B 90 -0.55 17.09 26.99
N TYR B 91 -1.29 18.02 26.38
CA TYR B 91 -2.39 17.64 25.50
C TYR B 91 -1.88 17.21 24.12
N LEU B 92 -0.84 17.86 23.60
CA LEU B 92 -0.33 17.59 22.28
C LEU B 92 1.14 17.20 22.34
N GLY B 93 1.54 16.35 21.40
CA GLY B 93 2.92 15.91 21.32
C GLY B 93 3.32 15.64 19.89
N ARG B 94 4.64 15.56 19.68
CA ARG B 94 5.19 15.37 18.34
C ARG B 94 6.63 14.91 18.45
N ALA B 95 6.99 13.81 17.80
CA ALA B 95 8.36 13.33 17.90
C ALA B 95 8.58 12.20 16.91
N GLY B 96 9.78 12.17 16.32
CA GLY B 96 10.25 11.02 15.57
C GLY B 96 11.00 10.06 16.47
N TYR B 97 11.36 8.91 15.91
CA TYR B 97 11.96 7.84 16.69
C TYR B 97 13.09 7.18 15.92
N THR B 98 14.00 6.57 16.67
CA THR B 98 15.07 5.74 16.14
C THR B 98 14.97 4.37 16.79
N ILE B 99 14.65 3.35 16.01
CA ILE B 99 14.41 2.01 16.50
C ILE B 99 15.62 1.14 16.19
N HIS B 100 16.14 0.48 17.22
CA HIS B 100 17.29 -0.41 17.08
C HIS B 100 16.93 -1.76 17.71
N VAL B 101 16.96 -2.82 16.92
CA VAL B 101 16.54 -4.17 17.37
C VAL B 101 17.76 -5.09 17.30
N GLN B 102 18.23 -5.59 18.44
CA GLN B 102 19.46 -6.41 18.51
C GLN B 102 19.10 -7.89 18.56
N CYS B 103 19.92 -8.76 17.98
CA CYS B 103 19.73 -10.23 18.00
C CYS B 103 21.03 -10.85 17.48
N ASN B 104 21.77 -11.55 18.32
CA ASN B 104 23.08 -12.10 17.99
C ASN B 104 23.08 -13.60 18.24
N ALA B 105 23.77 -14.33 17.36
CA ALA B 105 23.89 -15.78 17.48
C ALA B 105 25.17 -16.21 16.81
N SER B 106 25.61 -17.42 17.13
CA SER B 106 26.87 -17.94 16.62
C SER B 106 26.80 -18.11 15.11
N LYS B 107 27.95 -18.47 14.53
CA LYS B 107 28.01 -18.75 13.09
C LYS B 107 27.23 -19.99 12.71
N PHE B 108 26.91 -20.86 13.66
CA PHE B 108 26.27 -22.13 13.35
C PHE B 108 24.74 -22.08 13.50
N HIS B 109 24.19 -20.93 13.80
CA HIS B 109 22.74 -20.74 13.84
C HIS B 109 22.25 -20.23 12.49
N GLN B 110 20.97 -20.50 12.21
CA GLN B 110 20.35 -20.00 10.99
C GLN B 110 18.96 -19.47 11.31
N GLY B 111 18.57 -18.44 10.58
CA GLY B 111 17.29 -17.79 10.79
C GLY B 111 17.27 -16.43 10.13
N CYS B 112 16.06 -15.89 10.00
CA CYS B 112 15.87 -14.60 9.36
C CYS B 112 14.65 -13.91 9.97
N LEU B 113 14.82 -12.63 10.30
CA LEU B 113 13.75 -11.82 10.88
C LEU B 113 13.42 -10.66 9.95
N LEU B 114 12.17 -10.22 10.01
CA LEU B 114 11.73 -9.03 9.29
C LEU B 114 11.35 -7.98 10.33
N VAL B 115 11.99 -6.80 10.25
CA VAL B 115 11.71 -5.69 11.13
C VAL B 115 11.09 -4.58 10.29
N VAL B 116 9.90 -4.13 10.68
CA VAL B 116 9.14 -3.20 9.86
C VAL B 116 8.30 -2.33 10.77
N CYS B 117 8.20 -1.04 10.42
CA CYS B 117 7.36 -0.09 11.13
C CYS B 117 6.17 0.26 10.24
N VAL B 118 4.97 -0.04 10.71
CA VAL B 118 3.75 0.10 9.94
C VAL B 118 2.98 1.30 10.50
N PRO B 119 2.93 2.43 9.79
CA PRO B 119 2.12 3.55 10.28
C PRO B 119 0.63 3.27 10.12
N GLU B 120 -0.15 3.67 11.11
CA GLU B 120 -1.59 3.49 11.10
C GLU B 120 -1.96 2.03 10.88
N ALA B 121 -1.40 1.16 11.72
CA ALA B 121 -1.63 -0.28 11.62
C ALA B 121 -2.93 -0.64 12.34
N GLU B 122 -4.04 -0.28 11.70
CA GLU B 122 -5.35 -0.62 12.24
C GLU B 122 -5.56 -2.13 12.17
N MET B 123 -6.18 -2.68 13.21
CA MET B 123 -6.36 -4.12 13.34
C MET B 123 -7.84 -4.45 13.53
N GLY B 124 -8.21 -5.65 13.10
CA GLY B 124 -9.59 -6.10 13.20
C GLY B 124 -9.77 -7.12 14.31
N GLY B 125 -11.00 -7.21 14.81
CA GLY B 125 -11.28 -8.11 15.91
C GLY B 125 -11.27 -9.56 15.48
N ALA B 126 -11.12 -10.44 16.48
CA ALA B 126 -11.09 -11.87 16.19
C ALA B 126 -12.41 -12.35 15.62
N VAL B 127 -13.52 -11.87 16.18
CA VAL B 127 -14.85 -12.24 15.71
C VAL B 127 -15.45 -11.01 15.03
N VAL B 128 -15.84 -11.17 13.77
CA VAL B 128 -16.35 -10.03 13.00
C VAL B 128 -17.55 -9.44 13.72
N GLY B 129 -17.66 -8.12 13.67
CA GLY B 129 -18.76 -7.43 14.31
C GLY B 129 -18.74 -7.58 15.81
N GLN B 130 -17.56 -7.43 16.41
CA GLN B 130 -17.43 -7.56 17.87
C GLN B 130 -16.30 -6.64 18.31
N ALA B 131 -16.59 -5.75 19.25
CA ALA B 131 -15.60 -4.81 19.71
C ALA B 131 -14.69 -5.43 20.76
N PHE B 132 -13.51 -4.84 20.92
CA PHE B 132 -12.53 -5.28 21.89
C PHE B 132 -12.00 -4.07 22.65
N SER B 133 -11.55 -4.32 23.88
CA SER B 133 -11.03 -3.26 24.73
C SER B 133 -9.63 -2.87 24.29
N ALA B 134 -9.11 -1.79 24.87
CA ALA B 134 -7.76 -1.32 24.58
C ALA B 134 -6.74 -2.04 25.44
N THR B 135 -6.85 -3.36 25.49
CA THR B 135 -5.91 -4.19 26.25
C THR B 135 -5.40 -5.39 25.47
N ALA B 136 -6.10 -5.83 24.43
CA ALA B 136 -5.64 -6.91 23.58
C ALA B 136 -4.73 -6.44 22.47
N MET B 137 -4.38 -5.15 22.44
CA MET B 137 -3.55 -4.60 21.39
C MET B 137 -2.46 -3.67 21.89
N ALA B 138 -2.53 -3.20 23.14
CA ALA B 138 -1.42 -2.43 23.72
C ALA B 138 -1.58 -2.31 25.23
N ASN B 139 -0.58 -2.77 25.98
CA ASN B 139 -0.63 -2.75 27.44
C ASN B 139 0.73 -2.32 28.00
N GLY B 140 1.29 -1.26 27.44
CA GLY B 140 2.57 -0.77 27.90
C GLY B 140 3.72 -1.28 27.05
N ASP B 141 4.81 -1.68 27.69
CA ASP B 141 5.98 -2.16 26.95
C ASP B 141 5.97 -3.65 26.66
N LYS B 142 5.01 -4.40 27.21
CA LYS B 142 4.99 -5.83 26.98
C LYS B 142 4.67 -6.13 25.51
N ALA B 143 5.35 -7.13 24.97
CA ALA B 143 5.16 -7.54 23.59
C ALA B 143 3.94 -8.44 23.48
N TYR B 144 3.34 -8.46 22.29
CA TYR B 144 2.17 -9.28 22.01
C TYR B 144 2.53 -10.37 21.01
N GLU B 145 1.87 -11.52 21.17
CA GLU B 145 2.19 -12.72 20.41
C GLU B 145 1.27 -12.85 19.21
N PHE B 146 1.86 -13.13 18.05
CA PHE B 146 1.07 -13.59 16.92
C PHE B 146 0.75 -15.07 17.11
N THR B 147 -0.18 -15.57 16.29
CA THR B 147 -0.61 -16.96 16.36
C THR B 147 -0.56 -17.58 14.99
N SER B 148 -0.10 -18.83 14.94
CA SER B 148 -0.07 -19.54 13.67
C SER B 148 -1.47 -19.91 13.20
N ALA B 149 -2.32 -20.38 14.10
CA ALA B 149 -3.69 -20.75 13.78
C ALA B 149 -4.61 -19.53 13.90
N THR B 150 -5.79 -19.66 13.33
CA THR B 150 -6.76 -18.57 13.38
C THR B 150 -7.23 -18.36 14.82
N GLN B 151 -7.31 -17.09 15.22
CA GLN B 151 -7.77 -16.77 16.56
C GLN B 151 -9.25 -17.07 16.72
N SER B 152 -9.65 -17.31 17.96
CA SER B 152 -11.06 -17.57 18.23
C SER B 152 -11.65 -16.77 19.39
N ASP B 153 -10.84 -16.26 20.30
CA ASP B 153 -11.36 -15.54 21.47
C ASP B 153 -11.82 -14.17 21.09
N GLN B 154 -13.05 -13.83 21.41
CA GLN B 154 -13.61 -12.56 21.00
C GLN B 154 -12.97 -11.40 21.68
N THR B 155 -12.24 -11.66 22.75
CA THR B 155 -11.66 -10.60 23.51
C THR B 155 -10.34 -10.17 22.96
N LYS B 156 -9.93 -10.73 21.83
CA LYS B 156 -8.61 -10.44 21.32
C LYS B 156 -8.60 -10.17 19.86
N VAL B 157 -7.53 -9.57 19.40
CA VAL B 157 -7.42 -9.28 17.97
C VAL B 157 -7.12 -10.57 17.21
N GLN B 158 -7.49 -10.57 15.93
CA GLN B 158 -7.16 -11.69 15.04
C GLN B 158 -5.66 -11.77 14.88
N THR B 159 -5.05 -12.86 15.33
CA THR B 159 -3.61 -13.00 15.37
C THR B 159 -3.06 -13.89 14.25
N ALA B 160 -3.87 -14.23 13.25
CA ALA B 160 -3.37 -15.04 12.15
C ALA B 160 -2.15 -14.38 11.52
N ILE B 161 -1.02 -15.07 11.57
CA ILE B 161 0.25 -14.47 11.15
C ILE B 161 0.23 -14.13 9.67
N HIS B 162 -0.24 -15.05 8.83
CA HIS B 162 -0.11 -14.85 7.39
C HIS B 162 -0.91 -13.65 6.90
N ASN B 163 -1.85 -13.15 7.69
CA ASN B 163 -2.59 -11.95 7.33
C ASN B 163 -2.14 -10.71 8.07
N ALA B 164 -1.23 -10.86 9.04
CA ALA B 164 -0.67 -9.73 9.78
C ALA B 164 -1.72 -8.99 10.59
N GLY B 165 -2.88 -9.61 10.83
CA GLY B 165 -3.92 -8.95 11.60
C GLY B 165 -4.43 -7.69 10.96
N MET B 166 -4.20 -7.54 9.64
CA MET B 166 -4.60 -6.36 8.91
C MET B 166 -5.35 -6.70 7.63
N GLY B 167 -5.55 -7.98 7.33
CA GLY B 167 -6.24 -8.33 6.11
C GLY B 167 -5.41 -8.17 4.85
N VAL B 168 -4.09 -8.16 4.96
CA VAL B 168 -3.20 -8.00 3.83
C VAL B 168 -2.17 -9.13 3.83
N GLY B 169 -1.65 -9.43 2.65
CA GLY B 169 -0.63 -10.44 2.52
C GLY B 169 0.62 -10.10 3.30
N VAL B 170 1.07 -11.02 4.16
CA VAL B 170 2.21 -10.72 5.02
C VAL B 170 3.46 -10.46 4.18
N GLY B 171 3.56 -11.10 3.01
CA GLY B 171 4.73 -10.92 2.18
C GLY B 171 4.85 -9.55 1.55
N ASN B 172 3.79 -8.76 1.58
CA ASN B 172 3.80 -7.44 0.97
C ASN B 172 4.18 -6.34 1.95
N LEU B 173 4.54 -6.67 3.18
CA LEU B 173 4.92 -5.64 4.14
C LEU B 173 6.21 -4.95 3.77
N THR B 174 6.93 -5.45 2.77
CA THR B 174 8.17 -4.83 2.35
C THR B 174 8.00 -3.38 1.92
N ILE B 175 6.78 -2.99 1.56
CA ILE B 175 6.55 -1.62 1.09
C ILE B 175 6.91 -0.61 2.17
N TYR B 176 6.61 -0.94 3.43
CA TYR B 176 6.93 -0.04 4.52
C TYR B 176 8.42 -0.03 4.78
N PRO B 177 8.92 1.00 5.49
CA PRO B 177 10.34 0.97 5.90
C PRO B 177 10.62 -0.27 6.72
N HIS B 178 11.76 -0.89 6.46
CA HIS B 178 12.03 -2.21 7.05
C HIS B 178 13.50 -2.54 6.92
N GLN B 179 13.88 -3.64 7.57
CA GLN B 179 15.21 -4.21 7.44
C GLN B 179 15.11 -5.69 7.79
N TRP B 180 16.10 -6.46 7.36
CA TRP B 180 16.18 -7.88 7.64
C TRP B 180 17.36 -8.15 8.56
N ILE B 181 17.14 -9.01 9.54
CA ILE B 181 18.21 -9.50 10.40
C ILE B 181 18.48 -10.94 10.00
N ASN B 182 19.51 -11.14 9.19
CA ASN B 182 19.90 -12.46 8.72
C ASN B 182 21.12 -12.91 9.52
N LEU B 183 20.99 -14.00 10.26
CA LEU B 183 22.04 -14.40 11.18
C LEU B 183 23.36 -14.68 10.47
N ARG B 184 23.33 -14.94 9.16
CA ARG B 184 24.58 -15.15 8.44
C ARG B 184 25.44 -13.90 8.46
N THR B 185 24.83 -12.73 8.24
CA THR B 185 25.58 -11.52 7.94
C THR B 185 25.08 -10.28 8.66
N ASN B 186 24.37 -10.41 9.76
CA ASN B 186 23.79 -9.25 10.42
C ASN B 186 23.52 -9.56 11.88
N ASN B 187 23.47 -8.50 12.70
CA ASN B 187 23.16 -8.63 14.11
C ASN B 187 22.16 -7.62 14.62
N SER B 188 21.87 -6.56 13.88
CA SER B 188 20.93 -5.55 14.35
C SER B 188 20.38 -4.80 13.16
N ALA B 189 19.22 -4.16 13.37
CA ALA B 189 18.58 -3.35 12.35
C ALA B 189 18.26 -1.99 12.94
N THR B 190 18.52 -0.93 12.18
CA THR B 190 18.31 0.43 12.62
C THR B 190 17.36 1.12 11.65
N ILE B 191 16.31 1.74 12.19
CA ILE B 191 15.33 2.45 11.39
C ILE B 191 15.10 3.82 12.03
N VAL B 192 15.12 4.86 11.21
CA VAL B 192 14.83 6.21 11.65
C VAL B 192 13.48 6.61 11.07
N MET B 193 12.50 6.81 11.93
CA MET B 193 11.13 7.04 11.50
C MET B 193 10.73 8.48 11.76
N PRO B 194 10.48 9.29 10.72
CA PRO B 194 10.00 10.65 10.96
C PRO B 194 8.55 10.65 11.42
N TYR B 195 8.09 11.81 11.84
CA TYR B 195 6.72 11.96 12.33
C TYR B 195 5.77 11.98 11.13
N ILE B 196 4.93 10.96 11.03
CA ILE B 196 3.98 10.82 9.93
C ILE B 196 2.58 10.87 10.49
N ASN B 197 1.79 11.82 10.02
CA ASN B 197 0.41 11.98 10.48
C ASN B 197 -0.27 13.00 9.58
N SER B 198 -1.60 13.04 9.66
CA SER B 198 -2.38 13.96 8.85
C SER B 198 -2.53 15.33 9.49
N VAL B 199 -1.96 15.54 10.69
CA VAL B 199 -2.06 16.83 11.36
C VAL B 199 -0.71 17.16 11.99
N PRO B 200 -0.46 18.43 12.24
CA PRO B 200 0.86 18.82 12.79
C PRO B 200 1.18 18.15 14.11
N MET B 201 0.19 17.94 14.97
CA MET B 201 0.42 17.35 16.28
C MET B 201 -0.79 16.51 16.66
N ASP B 202 -0.61 15.61 17.61
CA ASP B 202 -1.72 14.80 18.09
C ASP B 202 -1.43 14.29 19.48
N ASN B 203 -2.51 13.94 20.18
CA ASN B 203 -2.39 13.36 21.51
C ASN B 203 -1.80 11.96 21.42
N MET B 204 -0.88 11.64 22.31
CA MET B 204 -0.17 10.37 22.27
C MET B 204 -0.86 9.27 23.08
N PHE B 205 -1.92 9.58 23.82
CA PHE B 205 -2.67 8.55 24.52
C PHE B 205 -3.82 8.01 23.72
N ARG B 206 -4.31 8.77 22.74
CA ARG B 206 -5.48 8.39 21.96
C ARG B 206 -5.15 7.83 20.60
N HIS B 207 -3.93 8.06 20.10
CA HIS B 207 -3.58 7.72 18.73
C HIS B 207 -2.28 6.92 18.73
N TYR B 208 -2.29 5.78 18.05
CA TYR B 208 -1.10 4.96 17.89
C TYR B 208 -0.42 5.37 16.59
N ASN B 209 0.70 6.08 16.69
CA ASN B 209 1.35 6.63 15.51
C ASN B 209 1.76 5.53 14.54
N PHE B 210 2.43 4.50 15.03
CA PHE B 210 2.88 3.41 14.17
C PHE B 210 3.11 2.18 15.02
N THR B 211 3.19 1.04 14.35
CA THR B 211 3.35 -0.26 14.99
C THR B 211 4.64 -0.92 14.52
N LEU B 212 5.35 -1.55 15.44
CA LEU B 212 6.58 -2.26 15.14
C LEU B 212 6.29 -3.76 15.14
N MET B 213 6.73 -4.44 14.09
CA MET B 213 6.49 -5.87 13.92
C MET B 213 7.79 -6.59 13.68
N VAL B 214 7.96 -7.74 14.33
CA VAL B 214 9.09 -8.63 14.13
C VAL B 214 8.55 -10.01 13.79
N ILE B 215 8.86 -10.50 12.60
CA ILE B 215 8.28 -11.73 12.07
C ILE B 215 9.42 -12.64 11.61
N PRO B 216 9.56 -13.86 12.15
CA PRO B 216 10.56 -14.78 11.63
C PRO B 216 10.07 -15.47 10.37
N PHE B 217 10.65 -15.09 9.23
CA PHE B 217 10.29 -15.73 7.96
C PHE B 217 10.92 -17.10 7.83
N VAL B 218 12.15 -17.26 8.33
CA VAL B 218 12.85 -18.53 8.34
C VAL B 218 13.05 -18.90 9.80
N LYS B 219 12.41 -19.97 10.24
CA LYS B 219 12.41 -20.30 11.66
C LYS B 219 13.82 -20.63 12.15
N LEU B 220 14.07 -20.32 13.41
CA LEU B 220 15.38 -20.56 13.99
C LEU B 220 15.70 -22.05 13.99
N ASP B 221 16.98 -22.37 13.80
CA ASP B 221 17.41 -23.75 13.81
C ASP B 221 18.85 -23.84 14.27
N TYR B 222 19.18 -24.95 14.91
CA TYR B 222 20.53 -25.22 15.41
C TYR B 222 20.58 -26.69 15.78
N ALA B 223 21.78 -27.16 16.14
CA ALA B 223 21.96 -28.55 16.50
C ALA B 223 23.17 -28.71 17.41
N ASP B 224 22.99 -29.48 18.47
CA ASP B 224 24.09 -29.87 19.36
C ASP B 224 24.79 -28.62 19.90
N THR B 225 24.07 -27.89 20.73
CA THR B 225 24.62 -26.73 21.41
C THR B 225 23.89 -26.56 22.73
N ALA B 226 24.55 -25.89 23.67
CA ALA B 226 23.99 -25.68 25.00
C ALA B 226 23.06 -24.48 25.06
N SER B 227 23.00 -23.66 24.02
CA SER B 227 22.11 -22.50 23.99
C SER B 227 20.75 -22.93 23.46
N THR B 228 19.70 -22.66 24.24
CA THR B 228 18.37 -23.11 23.90
C THR B 228 17.51 -22.05 23.25
N TYR B 229 17.87 -20.78 23.35
CA TYR B 229 17.07 -19.71 22.78
C TYR B 229 17.96 -18.52 22.48
N VAL B 230 17.45 -17.63 21.63
CA VAL B 230 18.19 -16.44 21.22
C VAL B 230 17.43 -15.21 21.70
N PRO B 231 17.88 -14.52 22.74
CA PRO B 231 17.16 -13.33 23.21
C PRO B 231 17.11 -12.25 22.15
N ILE B 232 16.03 -11.48 22.16
CA ILE B 232 15.86 -10.33 21.27
C ILE B 232 15.52 -9.12 22.12
N THR B 233 16.17 -7.99 21.81
CA THR B 233 16.00 -6.76 22.56
C THR B 233 15.66 -5.63 21.61
N VAL B 234 14.85 -4.69 22.09
CA VAL B 234 14.41 -3.55 21.30
C VAL B 234 14.74 -2.28 22.07
N THR B 235 15.31 -1.30 21.36
CA THR B 235 15.68 -0.02 21.95
C THR B 235 15.13 1.09 21.07
N VAL B 236 14.56 2.12 21.71
CA VAL B 236 13.93 3.23 21.00
C VAL B 236 14.43 4.54 21.60
N ALA B 237 14.39 5.59 20.79
CA ALA B 237 14.84 6.89 21.23
C ALA B 237 14.09 8.00 20.51
N PRO B 238 13.23 8.76 21.18
CA PRO B 238 12.56 9.88 20.52
C PRO B 238 13.56 10.92 20.04
N MET B 239 13.22 11.57 18.94
CA MET B 239 14.07 12.60 18.35
C MET B 239 13.24 13.85 18.08
N CYS B 240 13.82 15.01 18.41
CA CYS B 240 13.17 16.29 18.16
C CYS B 240 11.76 16.32 18.73
N ALA B 241 11.62 15.87 19.97
CA ALA B 241 10.33 15.83 20.63
C ALA B 241 9.97 17.20 21.18
N GLU B 242 8.72 17.61 20.98
CA GLU B 242 8.23 18.86 21.52
C GLU B 242 6.77 18.66 21.91
N TYR B 243 6.39 19.25 23.03
CA TYR B 243 5.06 19.08 23.59
C TYR B 243 4.36 20.44 23.68
N ASN B 244 3.06 20.40 23.94
CA ASN B 244 2.28 21.63 23.97
C ASN B 244 0.94 21.35 24.65
N GLY B 245 0.33 22.41 25.16
CA GLY B 245 -0.94 22.30 25.84
C GLY B 245 -0.82 21.71 27.23
N LEU B 246 -0.23 22.43 28.17
CA LEU B 246 -0.02 21.85 29.48
C LEU B 246 -1.29 21.82 30.26
N ARG B 247 -1.49 20.79 31.05
CA ARG B 247 -2.72 20.65 31.80
C ARG B 247 -2.45 19.74 32.95
N LEU B 248 -3.50 19.26 33.60
CA LEU B 248 -3.32 18.39 34.75
C LEU B 248 -2.94 17.01 34.33
N ALA B 249 -2.20 16.31 35.17
CA ALA B 249 -1.74 14.98 34.82
C ALA B 249 -2.91 14.04 34.61
N GLN B 250 -2.85 13.23 33.56
CA GLN B 250 -3.89 12.26 33.27
C GLN B 250 -3.82 11.09 34.25
N LEU C 1 -27.14 33.10 -31.19
CA LEU C 1 -26.00 32.39 -31.76
C LEU C 1 -26.42 30.99 -32.21
N PRO C 2 -26.56 30.78 -33.52
CA PRO C 2 -26.99 29.46 -33.99
C PRO C 2 -26.02 28.37 -33.57
N THR C 3 -26.58 27.21 -33.21
CA THR C 3 -25.78 26.06 -32.82
C THR C 3 -26.54 24.79 -33.17
N MET C 4 -25.79 23.68 -33.23
CA MET C 4 -26.33 22.35 -33.57
C MET C 4 -25.67 21.35 -32.62
N ASN C 5 -26.45 20.51 -31.93
CA ASN C 5 -25.89 19.52 -31.02
C ASN C 5 -25.41 18.31 -31.80
N THR C 6 -24.18 17.91 -31.57
CA THR C 6 -23.62 16.73 -32.20
C THR C 6 -23.96 15.49 -31.40
N PRO C 7 -23.81 14.31 -31.99
CA PRO C 7 -24.06 13.08 -31.23
C PRO C 7 -23.15 13.00 -30.01
N GLY C 8 -23.69 12.45 -28.94
CA GLY C 8 -22.98 12.36 -27.67
C GLY C 8 -23.40 13.39 -26.65
N SER C 9 -24.24 14.33 -27.02
CA SER C 9 -24.69 15.27 -26.05
C SER C 9 -25.45 14.55 -24.99
N THR C 10 -25.51 15.15 -23.82
CA THR C 10 -26.27 14.58 -22.73
C THR C 10 -25.92 13.16 -22.37
N GLN C 11 -24.68 12.78 -22.59
CA GLN C 11 -24.26 11.45 -22.21
C GLN C 11 -23.44 11.57 -20.99
N PHE C 12 -23.35 10.51 -20.22
CA PHE C 12 -22.50 10.50 -19.03
C PHE C 12 -21.39 9.48 -19.26
N LEU C 13 -20.19 9.96 -19.52
CA LEU C 13 -19.02 9.12 -19.72
C LEU C 13 -18.17 9.16 -18.45
N THR C 14 -17.90 7.99 -17.88
CA THR C 14 -17.26 7.94 -16.57
C THR C 14 -15.82 8.40 -16.58
N SER C 15 -15.21 8.59 -17.75
CA SER C 15 -13.80 9.00 -17.85
C SER C 15 -13.66 10.30 -18.62
N ASP C 16 -14.59 11.23 -18.43
CA ASP C 16 -14.55 12.52 -19.12
C ASP C 16 -13.90 13.57 -18.24
N ASP C 17 -13.53 14.69 -18.87
CA ASP C 17 -12.91 15.82 -18.19
C ASP C 17 -13.64 17.09 -18.59
N PHE C 18 -14.55 17.56 -17.74
CA PHE C 18 -15.32 18.76 -17.99
C PHE C 18 -15.37 19.61 -16.74
N GLN C 19 -15.54 20.91 -16.92
CA GLN C 19 -15.74 21.81 -15.80
C GLN C 19 -17.19 21.77 -15.36
N SER C 20 -17.41 21.92 -14.05
CA SER C 20 -18.74 21.89 -13.47
C SER C 20 -18.82 22.93 -12.36
N PRO C 21 -20.03 23.40 -12.05
CA PRO C 21 -20.15 24.40 -10.99
C PRO C 21 -19.76 23.86 -9.64
N CYS C 22 -19.31 24.77 -8.77
CA CYS C 22 -18.94 24.42 -7.41
C CYS C 22 -20.13 24.65 -6.48
N ALA C 23 -20.40 23.67 -5.62
CA ALA C 23 -21.55 23.75 -4.72
C ALA C 23 -21.27 24.55 -3.46
N LEU C 24 -20.02 24.89 -3.17
CA LEU C 24 -19.64 25.64 -1.97
C LEU C 24 -18.77 26.80 -2.41
N PRO C 25 -19.37 27.86 -2.95
CA PRO C 25 -18.57 28.96 -3.50
C PRO C 25 -17.70 29.61 -2.43
N GLN C 26 -16.50 30.01 -2.85
CA GLN C 26 -15.57 30.72 -1.98
C GLN C 26 -15.29 29.95 -0.69
N PHE C 27 -15.08 28.64 -0.83
CA PHE C 27 -14.71 27.82 0.31
C PHE C 27 -13.21 27.91 0.54
N ASP C 28 -12.81 28.05 1.81
CA ASP C 28 -11.40 28.19 2.18
C ASP C 28 -10.86 26.82 2.57
N VAL C 29 -9.95 26.28 1.75
CA VAL C 29 -9.41 24.96 2.02
C VAL C 29 -8.30 25.05 3.05
N THR C 30 -8.08 23.95 3.77
CA THR C 30 -7.05 23.92 4.79
C THR C 30 -5.67 24.02 4.14
N PRO C 31 -4.73 24.73 4.77
CA PRO C 31 -3.39 24.84 4.17
C PRO C 31 -2.74 23.48 3.99
N SER C 32 -1.97 23.35 2.92
CA SER C 32 -1.29 22.10 2.63
C SER C 32 -0.10 21.91 3.57
N MET C 33 0.24 20.64 3.81
CA MET C 33 1.38 20.27 4.62
C MET C 33 2.12 19.14 3.90
N ASN C 34 3.45 19.20 3.92
CA ASN C 34 4.26 18.21 3.21
C ASN C 34 4.46 17.00 4.11
N ILE C 35 3.52 16.08 4.04
CA ILE C 35 3.65 14.81 4.76
C ILE C 35 4.74 13.98 4.12
N PRO C 36 5.59 13.29 4.88
CA PRO C 36 6.61 12.45 4.26
C PRO C 36 6.01 11.30 3.48
N GLY C 37 6.67 10.93 2.40
CA GLY C 37 6.32 9.76 1.62
C GLY C 37 5.32 9.98 0.51
N GLU C 38 5.35 11.13 -0.16
CA GLU C 38 4.44 11.36 -1.26
C GLU C 38 4.74 10.41 -2.41
N VAL C 39 3.68 9.89 -3.03
CA VAL C 39 3.78 8.97 -4.16
C VAL C 39 3.07 9.61 -5.34
N LYS C 40 3.73 9.62 -6.50
CA LYS C 40 3.18 10.28 -7.68
C LYS C 40 2.99 9.33 -8.86
N ASN C 41 3.33 8.06 -8.72
CA ASN C 41 3.10 7.09 -9.80
C ASN C 41 3.14 5.67 -9.30
N LEU C 42 2.18 4.85 -9.68
CA LEU C 42 2.10 3.49 -9.15
C LEU C 42 3.35 2.68 -9.45
N MET C 43 4.09 3.05 -10.49
CA MET C 43 5.34 2.34 -10.77
C MET C 43 6.31 2.45 -9.61
N GLU C 44 6.33 3.59 -8.92
CA GLU C 44 7.19 3.71 -7.75
C GLU C 44 6.92 2.58 -6.76
N ILE C 45 5.65 2.26 -6.54
CA ILE C 45 5.30 1.10 -5.73
C ILE C 45 5.77 -0.18 -6.42
N ALA C 46 5.55 -0.28 -7.73
CA ALA C 46 5.83 -1.52 -8.43
C ALA C 46 7.29 -1.92 -8.38
N GLU C 47 8.20 -0.98 -8.17
CA GLU C 47 9.63 -1.28 -8.16
C GLU C 47 10.15 -1.71 -6.80
N VAL C 48 9.30 -1.79 -5.80
CA VAL C 48 9.71 -2.23 -4.48
C VAL C 48 9.66 -3.76 -4.43
N ASP C 49 10.61 -4.35 -3.74
CA ASP C 49 10.68 -5.81 -3.65
C ASP C 49 9.56 -6.35 -2.76
N SER C 50 9.21 -7.60 -2.99
CA SER C 50 8.22 -8.29 -2.17
C SER C 50 8.49 -9.78 -2.26
N VAL C 51 8.16 -10.49 -1.19
CA VAL C 51 8.46 -11.91 -1.12
C VAL C 51 7.49 -12.69 -2.00
N VAL C 52 8.00 -13.69 -2.69
CA VAL C 52 7.22 -14.47 -3.66
C VAL C 52 6.95 -15.84 -3.03
N PRO C 53 5.70 -16.25 -2.89
CA PRO C 53 5.40 -17.59 -2.33
C PRO C 53 5.61 -18.70 -3.35
N VAL C 54 6.86 -19.14 -3.49
CA VAL C 54 7.19 -20.11 -4.52
C VAL C 54 6.79 -21.52 -4.12
N ASN C 55 6.73 -21.81 -2.82
CA ASN C 55 6.50 -23.17 -2.34
C ASN C 55 5.00 -23.42 -2.17
N ASN C 56 4.33 -23.58 -3.32
CA ASN C 56 2.90 -23.90 -3.36
C ASN C 56 2.76 -25.38 -3.65
N VAL C 57 2.86 -26.19 -2.60
CA VAL C 57 2.96 -27.63 -2.75
C VAL C 57 1.64 -28.35 -2.51
N GLN C 58 0.53 -27.61 -2.44
CA GLN C 58 -0.79 -28.24 -2.32
C GLN C 58 -0.93 -29.02 -1.02
N ASP C 59 0.07 -28.95 -0.14
CA ASP C 59 0.06 -29.69 1.11
C ASP C 59 0.58 -28.83 2.25
N THR C 60 0.49 -27.51 2.11
CA THR C 60 1.03 -26.59 3.10
C THR C 60 0.05 -26.44 4.24
N THR C 61 0.25 -27.23 5.30
CA THR C 61 -0.55 -27.04 6.51
C THR C 61 -0.27 -25.69 7.14
N ASP C 62 1.00 -25.28 7.17
CA ASP C 62 1.39 -23.98 7.69
C ASP C 62 1.58 -23.02 6.52
N GLN C 63 0.84 -21.90 6.54
CA GLN C 63 0.87 -20.99 5.41
C GLN C 63 2.26 -20.40 5.20
N MET C 64 2.97 -20.09 6.28
CA MET C 64 4.27 -19.44 6.14
C MET C 64 5.26 -20.30 5.38
N GLU C 65 5.02 -21.61 5.28
CA GLU C 65 5.92 -22.46 4.51
C GLU C 65 6.00 -22.06 3.05
N MET C 66 5.00 -21.34 2.54
CA MET C 66 4.99 -21.01 1.12
C MET C 66 6.15 -20.11 0.72
N PHE C 67 6.81 -19.51 1.68
CA PHE C 67 7.86 -18.56 1.34
C PHE C 67 9.25 -19.10 1.47
N ARG C 68 9.40 -20.41 1.64
CA ARG C 68 10.72 -20.99 1.86
C ARG C 68 11.01 -22.16 0.96
N ILE C 69 12.09 -22.10 0.21
CA ILE C 69 12.44 -23.16 -0.71
C ILE C 69 13.43 -24.11 -0.08
N PRO C 70 13.06 -25.37 0.11
CA PRO C 70 13.96 -26.28 0.84
C PRO C 70 15.24 -26.56 0.07
N VAL C 71 16.30 -26.83 0.83
CA VAL C 71 17.59 -27.23 0.28
C VAL C 71 18.22 -28.23 1.22
N THR C 72 18.90 -29.22 0.67
CA THR C 72 19.41 -30.35 1.44
C THR C 72 20.90 -30.54 1.18
N ILE C 73 21.54 -31.30 2.07
CA ILE C 73 22.96 -31.69 1.88
C ILE C 73 22.92 -33.06 1.20
N ASN C 74 24.03 -33.52 0.63
CA ASN C 74 24.10 -34.85 -0.02
C ASN C 74 22.95 -34.96 -1.02
N ALA C 75 22.76 -33.96 -1.88
CA ALA C 75 21.69 -33.94 -2.89
C ALA C 75 22.14 -34.66 -4.16
N PRO C 76 21.26 -35.35 -4.85
CA PRO C 76 21.69 -35.95 -6.10
C PRO C 76 22.30 -34.91 -6.97
N LEU C 77 23.18 -35.28 -7.87
CA LEU C 77 23.87 -34.28 -8.66
C LEU C 77 23.00 -33.63 -9.70
N GLN C 78 23.09 -32.31 -9.82
CA GLN C 78 22.33 -31.60 -10.83
C GLN C 78 20.85 -31.80 -10.68
N GLN C 79 20.29 -31.42 -9.55
CA GLN C 79 18.88 -31.59 -9.32
C GLN C 79 18.17 -30.27 -9.47
N GLN C 80 16.88 -30.29 -9.75
CA GLN C 80 16.11 -29.06 -9.87
C GLN C 80 15.68 -28.58 -8.50
N VAL C 81 15.83 -27.29 -8.26
CA VAL C 81 15.41 -26.69 -7.00
C VAL C 81 13.97 -26.20 -7.09
N PHE C 82 13.62 -25.50 -8.17
CA PHE C 82 12.25 -25.05 -8.38
C PHE C 82 12.08 -24.68 -9.84
N GLY C 83 10.81 -24.51 -10.22
CA GLY C 83 10.48 -24.07 -11.56
C GLY C 83 9.12 -23.40 -11.56
N LEU C 84 8.95 -22.45 -12.46
CA LEU C 84 7.70 -21.69 -12.50
C LEU C 84 7.54 -21.01 -13.85
N ARG C 85 6.30 -20.68 -14.17
CA ARG C 85 5.98 -19.93 -15.38
C ARG C 85 6.12 -18.45 -15.10
N LEU C 86 6.50 -17.69 -16.12
CA LEU C 86 6.68 -16.25 -15.99
C LEU C 86 5.42 -15.54 -16.49
N GLN C 87 4.39 -15.57 -15.65
CA GLN C 87 3.13 -14.89 -15.92
C GLN C 87 2.83 -14.01 -14.72
N PRO C 88 3.45 -12.83 -14.64
CA PRO C 88 3.37 -12.05 -13.39
C PRO C 88 1.96 -11.69 -12.99
N GLY C 89 1.04 -11.57 -13.94
CA GLY C 89 -0.31 -11.17 -13.60
C GLY C 89 -1.32 -12.30 -13.51
N LEU C 90 -0.91 -13.52 -13.90
CA LEU C 90 -1.86 -14.62 -14.01
C LEU C 90 -1.44 -15.82 -13.17
N ASP C 91 -0.14 -16.12 -13.12
CA ASP C 91 0.31 -17.30 -12.41
C ASP C 91 0.07 -17.13 -10.91
N SER C 92 -0.32 -18.22 -10.26
CA SER C 92 -0.63 -18.16 -8.83
C SER C 92 0.56 -17.68 -8.02
N VAL C 93 1.78 -17.95 -8.49
CA VAL C 93 2.96 -17.56 -7.72
C VAL C 93 3.06 -16.04 -7.62
N PHE C 94 2.95 -15.34 -8.74
CA PHE C 94 3.07 -13.89 -8.78
C PHE C 94 1.73 -13.18 -8.65
N LYS C 95 0.63 -13.92 -8.52
CA LYS C 95 -0.68 -13.30 -8.58
C LYS C 95 -0.86 -12.24 -7.50
N HIS C 96 -0.48 -12.57 -6.26
CA HIS C 96 -0.77 -11.73 -5.11
C HIS C 96 0.45 -10.97 -4.60
N THR C 97 1.57 -11.00 -5.31
CA THR C 97 2.73 -10.24 -4.88
C THR C 97 2.46 -8.75 -5.06
N LEU C 98 3.31 -7.94 -4.42
CA LEU C 98 3.15 -6.50 -4.53
C LEU C 98 3.19 -6.05 -5.98
N LEU C 99 4.01 -6.69 -6.81
CA LEU C 99 4.01 -6.38 -8.23
C LEU C 99 2.75 -6.89 -8.92
N GLY C 100 2.35 -8.14 -8.63
CA GLY C 100 1.21 -8.71 -9.32
C GLY C 100 -0.06 -7.93 -9.08
N GLU C 101 -0.24 -7.38 -7.88
CA GLU C 101 -1.45 -6.64 -7.59
C GLU C 101 -1.58 -5.42 -8.50
N ILE C 102 -0.48 -4.71 -8.72
CA ILE C 102 -0.54 -3.52 -9.56
C ILE C 102 -0.91 -3.89 -10.99
N LEU C 103 -0.27 -4.93 -11.54
CA LEU C 103 -0.56 -5.31 -12.92
C LEU C 103 -2.03 -5.68 -13.10
N ASN C 104 -2.63 -6.32 -12.10
CA ASN C 104 -4.00 -6.78 -12.27
C ASN C 104 -4.99 -5.65 -12.47
N TYR C 105 -4.58 -4.41 -12.20
CA TYR C 105 -5.40 -3.24 -12.51
C TYR C 105 -5.22 -2.77 -13.94
N TYR C 106 -4.38 -3.44 -14.72
CA TYR C 106 -4.10 -3.05 -16.10
C TYR C 106 -4.22 -4.26 -17.00
N ALA C 107 -4.18 -4.01 -18.30
CA ALA C 107 -4.32 -5.05 -19.31
C ALA C 107 -3.04 -5.36 -20.05
N HIS C 108 -2.20 -4.36 -20.31
CA HIS C 108 -0.94 -4.56 -21.01
C HIS C 108 0.23 -4.22 -20.09
N TRP C 109 1.35 -4.89 -20.31
CA TRP C 109 2.56 -4.60 -19.57
C TRP C 109 3.76 -4.88 -20.44
N SER C 110 4.88 -4.24 -20.11
CA SER C 110 6.14 -4.46 -20.82
C SER C 110 7.29 -4.02 -19.93
N GLY C 111 8.48 -4.51 -20.28
CA GLY C 111 9.68 -4.18 -19.55
C GLY C 111 10.31 -5.41 -18.93
N SER C 112 11.46 -5.19 -18.31
CA SER C 112 12.21 -6.26 -17.68
C SER C 112 11.80 -6.44 -16.23
N MET C 113 12.25 -7.54 -15.64
CA MET C 113 11.91 -7.89 -14.27
C MET C 113 13.17 -8.32 -13.53
N LYS C 114 13.14 -8.17 -12.21
CA LYS C 114 14.25 -8.55 -11.35
C LYS C 114 13.77 -9.64 -10.39
N LEU C 115 14.55 -10.71 -10.29
CA LEU C 115 14.34 -11.75 -9.30
C LEU C 115 15.57 -11.81 -8.42
N THR C 116 15.39 -11.57 -7.13
CA THR C 116 16.47 -11.57 -6.16
C THR C 116 16.31 -12.75 -5.23
N PHE C 117 17.40 -13.49 -5.02
CA PHE C 117 17.41 -14.66 -4.15
C PHE C 117 18.38 -14.43 -3.00
N VAL C 118 17.95 -14.77 -1.80
CA VAL C 118 18.74 -14.60 -0.59
C VAL C 118 18.86 -15.95 0.10
N PHE C 119 20.08 -16.32 0.47
CA PHE C 119 20.34 -17.59 1.14
C PHE C 119 20.30 -17.37 2.64
N CYS C 120 19.37 -18.05 3.31
CA CYS C 120 19.17 -17.90 4.75
C CYS C 120 19.63 -19.14 5.51
N GLY C 121 20.74 -19.73 5.08
CA GLY C 121 21.34 -20.85 5.76
C GLY C 121 22.26 -20.41 6.87
N SER C 122 23.13 -21.31 7.29
CA SER C 122 24.13 -20.99 8.29
C SER C 122 25.28 -20.20 7.67
N ALA C 123 26.12 -19.65 8.54
CA ALA C 123 27.29 -18.91 8.04
C ALA C 123 28.37 -19.84 7.52
N MET C 124 28.47 -21.04 8.07
CA MET C 124 29.46 -22.01 7.64
C MET C 124 29.05 -22.78 6.39
N ALA C 125 27.77 -22.75 6.02
CA ALA C 125 27.34 -23.47 4.83
C ALA C 125 27.81 -22.76 3.56
N THR C 126 27.94 -23.53 2.49
CA THR C 126 28.39 -23.00 1.21
C THR C 126 27.75 -23.80 0.09
N GLY C 127 27.73 -23.20 -1.09
CA GLY C 127 27.18 -23.88 -2.26
C GLY C 127 27.14 -22.94 -3.44
N LYS C 128 26.81 -23.52 -4.59
CA LYS C 128 26.62 -22.77 -5.82
C LYS C 128 25.33 -23.22 -6.49
N PHE C 129 24.64 -22.26 -7.11
CA PHE C 129 23.37 -22.52 -7.76
C PHE C 129 23.37 -21.90 -9.14
N LEU C 130 22.67 -22.55 -10.06
CA LEU C 130 22.48 -22.06 -11.42
C LEU C 130 21.03 -21.66 -11.60
N ILE C 131 20.81 -20.40 -11.99
CA ILE C 131 19.47 -19.88 -12.23
C ILE C 131 19.40 -19.45 -13.68
N ALA C 132 18.42 -19.99 -14.41
CA ALA C 132 18.33 -19.78 -15.84
C ALA C 132 16.92 -19.34 -16.22
N TYR C 133 16.84 -18.48 -17.23
CA TYR C 133 15.58 -18.04 -17.80
C TYR C 133 15.51 -18.54 -19.23
N SER C 134 14.46 -19.29 -19.55
CA SER C 134 14.31 -19.89 -20.86
C SER C 134 13.21 -19.17 -21.63
N PRO C 135 13.50 -18.52 -22.75
CA PRO C 135 12.45 -17.86 -23.51
C PRO C 135 11.38 -18.84 -23.95
N PRO C 136 10.27 -18.35 -24.51
CA PRO C 136 9.19 -19.27 -24.88
C PRO C 136 9.65 -20.31 -25.87
N GLY C 137 9.09 -21.51 -25.75
CA GLY C 137 9.44 -22.59 -26.63
C GLY C 137 8.40 -23.68 -26.56
N ALA C 138 8.63 -24.74 -27.35
CA ALA C 138 7.68 -25.85 -27.39
C ALA C 138 7.66 -26.65 -26.10
N ASN C 139 8.79 -26.74 -25.39
CA ASN C 139 8.86 -27.57 -24.20
C ASN C 139 9.76 -26.91 -23.17
N PRO C 140 9.39 -26.92 -21.89
CA PRO C 140 10.27 -26.37 -20.86
C PRO C 140 11.45 -27.29 -20.62
N PRO C 141 12.55 -26.76 -20.08
CA PRO C 141 13.72 -27.60 -19.85
C PRO C 141 13.45 -28.69 -18.82
N LYS C 142 14.14 -29.83 -18.99
CA LYS C 142 14.01 -30.96 -18.08
C LYS C 142 15.28 -31.29 -17.33
N THR C 143 16.45 -30.86 -17.81
CA THR C 143 17.71 -31.16 -17.18
C THR C 143 18.62 -29.94 -17.26
N ARG C 144 19.63 -29.90 -16.40
CA ARG C 144 20.49 -28.74 -16.33
C ARG C 144 21.13 -28.45 -17.69
N LYS C 145 21.47 -29.49 -18.45
CA LYS C 145 22.08 -29.27 -19.76
C LYS C 145 21.15 -28.48 -20.66
N ASP C 146 19.85 -28.72 -20.57
CA ASP C 146 18.91 -27.93 -21.35
C ASP C 146 18.81 -26.51 -20.83
N ALA C 147 18.76 -26.35 -19.49
CA ALA C 147 18.56 -25.02 -18.92
C ALA C 147 19.75 -24.11 -19.21
N MET C 148 20.97 -24.64 -19.13
CA MET C 148 22.15 -23.80 -19.25
C MET C 148 22.29 -23.17 -20.62
N LEU C 149 21.53 -23.63 -21.62
CA LEU C 149 21.63 -23.02 -22.94
C LEU C 149 21.09 -21.59 -22.94
N GLY C 150 20.00 -21.33 -22.22
CA GLY C 150 19.41 -20.02 -22.20
C GLY C 150 20.11 -19.07 -21.24
N THR C 151 19.53 -17.88 -21.11
CA THR C 151 20.07 -16.88 -20.20
C THR C 151 20.13 -17.44 -18.79
N HIS C 152 21.26 -17.25 -18.12
CA HIS C 152 21.45 -17.80 -16.79
C HIS C 152 22.61 -17.09 -16.11
N ILE C 153 22.67 -17.28 -14.79
CA ILE C 153 23.76 -16.74 -13.98
C ILE C 153 24.16 -17.79 -12.95
N ILE C 154 25.46 -17.93 -12.73
CA ILE C 154 25.98 -18.85 -11.72
C ILE C 154 26.11 -18.08 -10.42
N TRP C 155 25.42 -18.55 -9.38
CA TRP C 155 25.36 -17.85 -8.11
C TRP C 155 26.29 -18.52 -7.12
N ASP C 156 27.18 -17.73 -6.53
CA ASP C 156 28.12 -18.20 -5.51
C ASP C 156 27.72 -17.61 -4.17
N ILE C 157 27.66 -18.45 -3.14
CA ILE C 157 27.24 -18.04 -1.81
C ILE C 157 28.48 -17.72 -0.98
N GLY C 158 28.54 -16.51 -0.45
CA GLY C 158 29.67 -16.07 0.37
C GLY C 158 29.25 -15.00 1.32
N LEU C 159 30.10 -13.98 1.47
CA LEU C 159 29.75 -12.85 2.34
C LEU C 159 28.51 -12.14 1.84
N GLN C 160 28.41 -11.91 0.53
CA GLN C 160 27.21 -11.33 -0.06
C GLN C 160 26.16 -12.42 -0.17
N SER C 161 25.07 -12.27 0.57
CA SER C 161 24.07 -13.32 0.69
C SER C 161 22.96 -13.22 -0.35
N SER C 162 23.03 -12.28 -1.28
CA SER C 162 21.96 -12.06 -2.24
C SER C 162 22.52 -11.98 -3.65
N CYS C 163 21.76 -12.51 -4.60
CA CYS C 163 22.09 -12.44 -6.02
C CYS C 163 20.86 -12.06 -6.81
N VAL C 164 21.06 -11.32 -7.89
CA VAL C 164 19.98 -10.76 -8.69
C VAL C 164 20.05 -11.34 -10.09
N LEU C 165 18.94 -11.89 -10.55
CA LEU C 165 18.79 -12.34 -11.93
C LEU C 165 17.86 -11.36 -12.63
N CYS C 166 18.38 -10.68 -13.65
CA CYS C 166 17.59 -9.73 -14.42
C CYS C 166 17.01 -10.44 -15.62
N VAL C 167 15.68 -10.54 -15.67
CA VAL C 167 15.00 -11.20 -16.78
C VAL C 167 14.87 -10.19 -17.92
N PRO C 168 15.56 -10.37 -19.04
CA PRO C 168 15.48 -9.37 -20.10
C PRO C 168 14.12 -9.40 -20.79
N TRP C 169 13.78 -8.29 -21.41
CA TRP C 169 12.52 -8.16 -22.14
C TRP C 169 12.75 -8.65 -23.57
N ILE C 170 12.44 -9.91 -23.82
CA ILE C 170 12.52 -10.50 -25.14
C ILE C 170 11.10 -10.85 -25.57
N SER C 171 10.60 -10.16 -26.58
CA SER C 171 9.24 -10.38 -27.04
C SER C 171 9.11 -9.92 -28.48
N GLN C 172 8.17 -10.54 -29.19
CA GLN C 172 7.89 -10.12 -30.56
C GLN C 172 7.04 -8.86 -30.63
N THR C 173 6.34 -8.52 -29.55
CA THR C 173 5.46 -7.37 -29.52
C THR C 173 5.95 -6.37 -28.47
N HIS C 174 5.61 -5.10 -28.68
CA HIS C 174 5.99 -4.08 -27.72
C HIS C 174 5.34 -4.30 -26.36
N TYR C 175 4.21 -4.99 -26.31
CA TYR C 175 3.47 -5.19 -25.06
C TYR C 175 2.99 -6.63 -24.99
N ARG C 176 2.65 -7.04 -23.77
CA ARG C 176 2.10 -8.36 -23.51
C ARG C 176 0.82 -8.23 -22.70
N LEU C 177 -0.09 -9.17 -22.89
CA LEU C 177 -1.34 -9.16 -22.16
C LEU C 177 -1.13 -9.66 -20.75
N VAL C 178 -1.81 -9.02 -19.79
CA VAL C 178 -1.79 -9.52 -18.42
C VAL C 178 -2.46 -10.88 -18.35
N GLN C 179 -3.59 -11.04 -19.04
CA GLN C 179 -4.26 -12.33 -19.16
C GLN C 179 -3.57 -13.14 -20.25
N GLN C 180 -2.38 -13.62 -19.92
CA GLN C 180 -1.51 -14.21 -20.92
C GLN C 180 -2.11 -15.49 -21.50
N ASP C 181 -1.75 -15.78 -22.75
CA ASP C 181 -2.20 -16.97 -23.46
C ASP C 181 -1.04 -17.61 -24.22
N GLU C 182 -1.34 -18.58 -25.08
CA GLU C 182 -0.28 -19.22 -25.86
C GLU C 182 0.44 -18.21 -26.74
N TYR C 183 -0.30 -17.26 -27.32
CA TYR C 183 0.31 -16.36 -28.29
C TYR C 183 1.38 -15.49 -27.65
N THR C 184 1.12 -14.99 -26.44
CA THR C 184 2.00 -14.04 -25.78
C THR C 184 2.71 -14.66 -24.58
N SER C 185 3.15 -15.91 -24.71
CA SER C 185 3.87 -16.56 -23.64
C SER C 185 5.13 -15.75 -23.31
N ALA C 186 5.72 -16.05 -22.15
CA ALA C 186 6.90 -15.33 -21.68
C ALA C 186 8.06 -16.23 -21.30
N GLY C 187 7.85 -17.54 -21.13
CA GLY C 187 8.96 -18.44 -20.84
C GLY C 187 8.90 -19.03 -19.46
N TYR C 188 10.03 -19.56 -18.99
CA TYR C 188 10.10 -20.24 -17.71
C TYR C 188 11.38 -19.83 -16.99
N VAL C 189 11.37 -20.01 -15.67
CA VAL C 189 12.52 -19.75 -14.82
C VAL C 189 12.73 -20.99 -13.95
N THR C 190 13.97 -21.45 -13.88
CA THR C 190 14.31 -22.65 -13.12
C THR C 190 15.65 -22.46 -12.44
N CYS C 191 15.84 -23.20 -11.35
CA CYS C 191 17.07 -23.17 -10.58
C CYS C 191 17.57 -24.60 -10.35
N TRP C 192 18.87 -24.79 -10.48
CA TRP C 192 19.47 -26.11 -10.40
C TRP C 192 20.71 -26.07 -9.52
N TYR C 193 21.04 -27.21 -8.93
CA TYR C 193 22.28 -27.33 -8.17
C TYR C 193 23.47 -27.24 -9.12
N GLN C 194 24.41 -26.35 -8.80
CA GLN C 194 25.63 -26.24 -9.58
C GLN C 194 26.73 -27.14 -9.00
N THR C 195 26.88 -27.11 -7.68
CA THR C 195 27.91 -27.90 -7.01
C THR C 195 27.32 -28.69 -5.85
N GLY C 196 26.28 -28.15 -5.24
CA GLY C 196 25.70 -28.75 -4.06
C GLY C 196 26.07 -27.99 -2.80
N MET C 197 25.30 -28.22 -1.75
CA MET C 197 25.50 -27.54 -0.47
C MET C 197 26.31 -28.44 0.46
N ILE C 198 27.36 -27.87 1.06
CA ILE C 198 28.24 -28.59 1.95
C ILE C 198 28.23 -27.88 3.30
N VAL C 199 28.21 -28.66 4.38
CA VAL C 199 28.16 -28.10 5.72
C VAL C 199 29.19 -28.80 6.60
N PRO C 200 29.74 -28.12 7.61
CA PRO C 200 30.65 -28.79 8.53
C PRO C 200 29.90 -29.48 9.65
N PRO C 201 30.59 -30.14 10.56
CA PRO C 201 29.90 -30.82 11.66
C PRO C 201 29.15 -29.83 12.54
N GLY C 202 28.07 -30.32 13.15
CA GLY C 202 27.30 -29.50 14.06
C GLY C 202 26.54 -28.36 13.43
N THR C 203 25.92 -28.59 12.28
CA THR C 203 25.07 -27.61 11.63
C THR C 203 23.79 -28.29 11.16
N PRO C 204 22.71 -27.54 10.98
CA PRO C 204 21.48 -28.15 10.48
C PRO C 204 21.68 -28.73 9.09
N ASN C 205 20.94 -29.80 8.81
CA ASN C 205 21.05 -30.50 7.53
C ASN C 205 20.19 -29.88 6.43
N SER C 206 19.40 -28.86 6.73
CA SER C 206 18.53 -28.25 5.75
C SER C 206 18.61 -26.74 5.87
N SER C 207 18.34 -26.05 4.76
CA SER C 207 18.35 -24.61 4.72
C SER C 207 17.19 -24.14 3.86
N SER C 208 17.03 -22.83 3.74
CA SER C 208 15.91 -22.26 2.99
C SER C 208 16.42 -21.08 2.18
N ILE C 209 15.69 -20.80 1.10
CA ILE C 209 15.96 -19.66 0.22
C ILE C 209 14.67 -18.90 0.02
N MET C 210 14.78 -17.59 -0.19
CA MET C 210 13.64 -16.74 -0.44
C MET C 210 13.86 -15.96 -1.72
N CYS C 211 12.77 -15.62 -2.39
CA CYS C 211 12.80 -14.94 -3.67
C CYS C 211 12.04 -13.63 -3.58
N PHE C 212 12.58 -12.59 -4.22
CA PHE C 212 11.98 -11.28 -4.27
C PHE C 212 11.76 -10.87 -5.71
N ALA C 213 10.62 -10.25 -5.98
CA ALA C 213 10.24 -9.84 -7.33
C ALA C 213 10.02 -8.34 -7.39
N SER C 214 10.49 -7.71 -8.45
CA SER C 214 10.31 -6.28 -8.65
C SER C 214 10.53 -5.96 -10.12
N ALA C 215 10.15 -4.74 -10.49
CA ALA C 215 10.25 -4.28 -11.87
C ALA C 215 11.45 -3.37 -12.06
N CYS C 216 12.03 -3.42 -13.25
CA CYS C 216 13.18 -2.58 -13.57
C CYS C 216 12.70 -1.16 -13.84
N ASN C 217 13.61 -0.30 -14.29
CA ASN C 217 13.27 1.10 -14.53
C ASN C 217 12.67 1.35 -15.90
N ASP C 218 12.53 0.32 -16.73
CA ASP C 218 11.88 0.45 -18.03
C ASP C 218 10.50 -0.19 -18.06
N PHE C 219 9.97 -0.56 -16.90
CA PHE C 219 8.70 -1.26 -16.85
C PHE C 219 7.55 -0.26 -17.00
N SER C 220 6.43 -0.71 -17.55
CA SER C 220 5.28 0.16 -17.73
C SER C 220 4.03 -0.67 -17.99
N VAL C 221 2.90 -0.02 -17.82
CA VAL C 221 1.65 -0.69 -17.99
C VAL C 221 0.74 0.19 -18.77
N ARG C 222 -0.42 -0.30 -19.15
CA ARG C 222 -1.33 0.45 -19.98
C ARG C 222 -2.72 -0.10 -19.89
N MET C 223 -3.71 0.68 -20.28
CA MET C 223 -5.11 0.29 -20.23
C MET C 223 -5.58 -0.15 -18.88
N LEU C 224 -6.40 0.66 -18.24
CA LEU C 224 -6.84 0.34 -16.91
C LEU C 224 -8.07 -0.51 -16.93
N ARG C 225 -8.08 -1.54 -16.11
CA ARG C 225 -9.22 -2.43 -16.02
C ARG C 225 -9.50 -2.62 -14.58
N ASP C 226 -10.62 -3.21 -14.26
CA ASP C 226 -10.99 -3.44 -12.89
C ASP C 226 -10.48 -4.78 -12.49
N THR C 227 -9.96 -4.88 -11.29
CA THR C 227 -9.34 -6.13 -10.85
C THR C 227 -10.40 -7.19 -10.56
N PRO C 228 -9.99 -8.46 -10.70
CA PRO C 228 -10.94 -9.54 -10.52
C PRO C 228 -10.84 -10.26 -9.21
N PHE C 229 -9.96 -9.83 -8.34
CA PHE C 229 -9.71 -10.55 -7.09
C PHE C 229 -10.74 -10.25 -6.01
N ILE C 230 -11.42 -9.11 -6.09
CA ILE C 230 -12.29 -8.63 -5.01
C ILE C 230 -13.70 -8.56 -5.54
N SER C 231 -14.66 -9.08 -4.77
CA SER C 231 -16.05 -9.11 -5.20
C SER C 231 -16.96 -9.10 -3.99
N GLN C 232 -18.21 -8.71 -4.21
CA GLN C 232 -19.24 -8.71 -3.18
C GLN C 232 -20.56 -9.17 -3.78
N ASP C 233 -21.44 -9.67 -2.92
CA ASP C 233 -22.76 -10.13 -3.33
C ASP C 233 -23.89 -9.25 -2.81
N ASN C 234 -23.70 -8.60 -1.67
CA ASN C 234 -24.74 -7.76 -1.08
C ASN C 234 -24.10 -6.48 -0.57
N LYS C 235 -24.91 -5.43 -0.51
CA LYS C 235 -24.44 -4.15 0.01
C LYS C 235 -23.99 -4.33 1.46
N LEU C 236 -22.86 -3.73 1.81
CA LEU C 236 -22.30 -3.85 3.15
C LEU C 236 -23.16 -3.10 4.16
N GLY D 1 -8.25 35.33 -22.07
CA GLY D 1 -7.24 34.65 -21.28
C GLY D 1 -7.29 33.15 -21.46
N ALA D 2 -6.76 32.68 -22.58
CA ALA D 2 -6.83 31.28 -22.98
C ALA D 2 -5.46 30.63 -22.88
N GLN D 3 -5.44 29.35 -22.54
CA GLN D 3 -4.21 28.58 -22.41
C GLN D 3 -4.11 27.61 -23.58
N VAL D 4 -2.94 27.56 -24.22
CA VAL D 4 -2.74 26.64 -25.32
C VAL D 4 -1.67 25.68 -24.91
N SER D 5 -1.80 24.43 -25.30
CA SER D 5 -0.86 23.42 -24.86
C SER D 5 -0.93 22.20 -25.69
N THR D 6 0.10 21.37 -25.65
CA THR D 6 0.13 20.20 -26.51
C THR D 6 -0.73 19.09 -25.93
N GLN D 7 -1.10 18.14 -26.79
CA GLN D 7 -1.94 17.02 -26.42
C GLN D 7 -1.23 15.71 -26.70
N LYS D 8 -1.49 14.69 -25.90
CA LYS D 8 -0.85 13.42 -26.09
C LYS D 8 -1.06 13.02 -27.48
N THR D 9 -0.04 12.40 -28.03
CA THR D 9 -0.10 11.94 -29.37
C THR D 9 0.95 10.88 -29.40
N GLY D 10 1.21 10.36 -30.59
CA GLY D 10 2.16 9.28 -30.71
C GLY D 10 3.59 9.69 -30.54
N ALA D 11 4.50 8.93 -31.12
CA ALA D 11 5.92 9.22 -30.96
C ALA D 11 6.54 9.67 -32.27
N HIS D 12 7.10 8.74 -33.02
CA HIS D 12 7.78 9.11 -34.24
C HIS D 12 6.91 10.02 -35.04
N GLU D 13 5.68 9.60 -35.29
CA GLU D 13 4.76 10.38 -36.10
C GLU D 13 3.44 10.57 -35.37
N ILE D 24 -1.68 19.97 -33.28
CA ILE D 24 -1.44 19.22 -32.06
C ILE D 24 -1.48 20.18 -30.88
N HIS D 25 -2.49 21.04 -30.83
CA HIS D 25 -2.64 22.00 -29.73
C HIS D 25 -4.12 22.11 -29.41
N TYR D 26 -4.47 22.29 -28.14
CA TYR D 26 -5.84 22.47 -27.70
C TYR D 26 -5.93 23.68 -26.79
N THR D 27 -7.08 24.34 -26.84
CA THR D 27 -7.31 25.57 -26.09
C THR D 27 -8.23 25.28 -24.91
N ASN D 28 -7.93 25.93 -23.78
CA ASN D 28 -8.72 25.75 -22.57
C ASN D 28 -9.01 27.11 -21.95
N ILE D 29 -10.22 27.27 -21.43
CA ILE D 29 -10.63 28.49 -20.75
C ILE D 29 -11.43 28.09 -19.52
N ASN D 30 -11.20 28.80 -18.42
CA ASN D 30 -11.90 28.54 -17.16
C ASN D 30 -13.08 29.50 -17.04
N TYR D 31 -14.25 28.95 -16.72
CA TYR D 31 -15.48 29.72 -16.67
C TYR D 31 -15.96 30.04 -15.27
N TYR D 32 -15.45 29.35 -14.25
CA TYR D 32 -15.96 29.49 -12.89
C TYR D 32 -14.89 30.10 -11.99
N LYS D 33 -15.35 30.73 -10.92
CA LYS D 33 -14.48 31.50 -10.03
C LYS D 33 -13.85 30.67 -8.92
N ASP D 34 -14.12 29.36 -8.89
CA ASP D 34 -13.54 28.47 -7.88
C ASP D 34 -12.60 27.49 -8.55
N ALA D 35 -11.38 27.38 -8.03
CA ALA D 35 -10.39 26.50 -8.64
C ALA D 35 -10.84 25.04 -8.63
N ALA D 36 -11.74 24.67 -7.72
CA ALA D 36 -12.20 23.29 -7.66
C ALA D 36 -13.00 22.90 -8.89
N SER D 37 -13.47 23.87 -9.67
CA SER D 37 -14.26 23.57 -10.86
C SER D 37 -13.42 23.23 -12.07
N ASN D 38 -12.11 23.47 -12.03
CA ASN D 38 -11.27 23.21 -13.19
C ASN D 38 -11.28 21.72 -13.52
N SER D 39 -10.87 21.42 -14.75
CA SER D 39 -10.77 20.04 -15.19
C SER D 39 -9.52 19.39 -14.61
N ALA D 40 -9.49 18.05 -14.65
CA ALA D 40 -8.38 17.32 -14.09
C ALA D 40 -7.08 17.68 -14.79
N ASN D 41 -6.03 17.89 -14.01
CA ASN D 41 -4.71 18.22 -14.54
C ASN D 41 -3.86 16.94 -14.65
N ARG D 42 -4.26 16.11 -15.60
CA ARG D 42 -3.65 14.79 -15.79
C ARG D 42 -2.49 14.82 -16.77
N GLN D 43 -1.80 15.95 -16.91
CA GLN D 43 -0.69 16.09 -17.84
C GLN D 43 0.67 16.09 -17.15
N ASP D 44 0.71 15.85 -15.84
CA ASP D 44 1.96 15.82 -15.09
C ASP D 44 2.52 14.41 -15.06
N PHE D 45 3.82 14.29 -15.37
CA PHE D 45 4.45 12.98 -15.51
C PHE D 45 5.77 12.88 -14.74
N THR D 46 6.07 13.83 -13.87
CA THR D 46 7.29 13.76 -13.09
C THR D 46 7.14 12.71 -12.00
N GLN D 47 8.23 12.00 -11.71
CA GLN D 47 8.20 10.93 -10.73
C GLN D 47 9.60 10.65 -10.23
N ASP D 48 9.67 10.09 -9.01
CA ASP D 48 10.94 9.80 -8.36
C ASP D 48 10.79 8.62 -7.41
N PRO D 49 11.30 7.44 -7.77
CA PRO D 49 11.12 6.27 -6.91
C PRO D 49 12.19 6.06 -5.84
N SER D 50 13.22 6.91 -5.81
CA SER D 50 14.31 6.70 -4.85
C SER D 50 13.82 6.76 -3.41
N LYS D 51 12.66 7.37 -3.16
CA LYS D 51 12.15 7.46 -1.80
C LYS D 51 11.90 6.08 -1.20
N PHE D 52 11.35 5.16 -1.99
CA PHE D 52 11.00 3.84 -1.51
C PHE D 52 12.02 2.77 -1.85
N THR D 53 12.84 2.97 -2.87
CA THR D 53 13.81 1.96 -3.29
C THR D 53 15.18 2.14 -2.67
N GLU D 54 15.58 3.37 -2.36
CA GLU D 54 16.89 3.66 -1.78
C GLU D 54 16.73 4.55 -0.55
N PRO D 55 16.08 4.07 0.49
CA PRO D 55 15.91 4.86 1.71
C PRO D 55 17.10 4.80 2.67
N VAL D 56 18.24 4.30 2.23
CA VAL D 56 19.38 4.13 3.12
C VAL D 56 20.02 5.49 3.39
N LYS D 57 20.86 5.53 4.43
CA LYS D 57 21.53 6.77 4.80
C LYS D 57 22.80 6.98 3.98
N ASP D 58 23.60 5.93 3.82
CA ASP D 58 24.83 6.01 3.04
C ASP D 58 24.56 5.47 1.64
N VAL D 59 24.83 6.31 0.63
CA VAL D 59 24.60 5.90 -0.75
C VAL D 59 25.48 4.71 -1.07
N MET D 60 24.92 3.73 -1.78
CA MET D 60 25.64 2.52 -2.18
C MET D 60 25.77 2.50 -3.70
N ILE D 61 27.00 2.30 -4.17
CA ILE D 61 27.25 2.20 -5.61
C ILE D 61 26.97 0.77 -6.04
N LYS D 62 26.23 0.62 -7.15
CA LYS D 62 25.83 -0.71 -7.58
C LYS D 62 27.06 -1.56 -7.91
N SER D 63 28.07 -0.97 -8.55
CA SER D 63 29.25 -1.74 -8.93
C SER D 63 30.01 -2.23 -7.70
N LEU D 64 30.13 -1.39 -6.68
CA LEU D 64 30.87 -1.78 -5.49
C LEU D 64 30.10 -2.83 -4.70
N PRO D 65 30.81 -3.62 -3.88
CA PRO D 65 30.12 -4.58 -3.03
C PRO D 65 29.18 -3.89 -2.04
N ALA D 66 28.08 -4.56 -1.73
CA ALA D 66 27.12 -3.99 -0.79
C ALA D 66 27.75 -3.77 0.59
N LEU D 67 28.56 -4.71 1.04
CA LEU D 67 29.20 -4.61 2.34
C LEU D 67 30.72 -4.75 2.21
#